data_7SAL
#
_entry.id   7SAL
#
_cell.length_a   74.083
_cell.length_b   87.948
_cell.length_c   74.634
_cell.angle_alpha   90.000
_cell.angle_beta   109.490
_cell.angle_gamma   90.000
#
_symmetry.space_group_name_H-M   'P 1 21 1'
#
loop_
_entity.id
_entity.type
_entity.pdbx_description
1 polymer mCherry
2 polymer LaM6
3 non-polymer GLYCEROL
4 water water
#
loop_
_entity_poly.entity_id
_entity_poly.type
_entity_poly.pdbx_seq_one_letter_code
_entity_poly.pdbx_strand_id
1 'polypeptide(L)'
;SNGMVSKGEEDNMAIIKEFMRFKVHMEGSVNGHEFEIEGEGEGRPYEGTQTAKLKVTKGGPLPFAWDILSPQF(NRQ)SK
AYVKHPADIPDYLKLSFPEGFKWERVMNFEDGGVVTVTQDSSLQDGEFIYKVKLRGTNFPSDGPVMQKKTMGWEASSERM
YPEDGALKGEIKQRLKLKDGGHYDAEVKTTYKAKKPVQLPGAYNVNIKLDITSHNEDYTIVEQYERAEGRHSTGGMDELY
K
;
A,B
2 'polypeptide(L)'
;MGSSHHHHHHSSGLVPRGSMAQVQLVESGGGLVQAGGSLRLSCVASGSAPSFFAMAWYRQSPGNERELVAALSSLGSTNY
ADSVKGRFTISMDNAKNTVYLQMNNVNAEDTAVYYCAAGDFHSCYARKSCDYWGQGTQVTVS
;
C,D
#
loop_
_chem_comp.id
_chem_comp.type
_chem_comp.name
_chem_comp.formula
GOL non-polymer GLYCEROL 'C3 H8 O3'
#
# COMPACT_ATOMS: atom_id res chain seq x y z
N ASN A 12 -20.99 -5.94 -8.42
CA ASN A 12 -20.64 -5.64 -9.80
C ASN A 12 -21.39 -4.41 -10.30
N MET A 13 -22.73 -4.47 -10.24
CA MET A 13 -23.55 -3.35 -10.69
C MET A 13 -23.35 -2.11 -9.82
N ALA A 14 -22.80 -2.27 -8.62
CA ALA A 14 -22.57 -1.11 -7.76
C ALA A 14 -21.34 -0.32 -8.19
N ILE A 15 -20.29 -1.01 -8.63
CA ILE A 15 -19.04 -0.35 -8.98
C ILE A 15 -18.94 -0.11 -10.49
N ILE A 16 -19.38 -1.05 -11.32
CA ILE A 16 -19.51 -0.82 -12.75
C ILE A 16 -20.89 -0.22 -12.97
N LYS A 17 -20.94 1.09 -13.19
CA LYS A 17 -22.20 1.80 -13.35
C LYS A 17 -22.65 1.74 -14.80
N GLU A 18 -23.90 2.17 -15.03
CA GLU A 18 -24.43 2.17 -16.39
C GLU A 18 -23.63 3.06 -17.33
N PHE A 19 -22.91 4.05 -16.79
CA PHE A 19 -21.99 4.90 -17.54
C PHE A 19 -20.63 4.85 -16.87
N MET A 20 -19.58 4.64 -17.67
CA MET A 20 -18.22 4.57 -17.16
C MET A 20 -17.26 5.25 -18.13
N ARG A 21 -16.32 6.01 -17.57
CA ARG A 21 -15.21 6.59 -18.31
C ARG A 21 -13.98 5.72 -18.14
N PHE A 22 -13.03 5.88 -19.07
CA PHE A 22 -11.73 5.26 -18.95
C PHE A 22 -10.63 6.18 -19.47
N LYS A 23 -9.41 5.87 -19.05
CA LYS A 23 -8.21 6.56 -19.50
C LYS A 23 -7.24 5.50 -20.01
N VAL A 24 -6.53 5.77 -21.09
CA VAL A 24 -5.65 4.78 -21.69
C VAL A 24 -4.33 5.42 -22.05
N HIS A 25 -3.25 4.65 -21.83
CA HIS A 25 -1.88 4.97 -22.21
C HIS A 25 -1.36 3.81 -23.04
N MET A 26 -0.79 4.11 -24.22
CA MET A 26 -0.12 3.11 -25.04
C MET A 26 1.31 3.55 -25.30
N GLU A 27 2.26 2.64 -25.13
CA GLU A 27 3.59 2.83 -25.68
C GLU A 27 3.87 1.68 -26.65
N GLY A 28 4.50 1.99 -27.77
CA GLY A 28 4.88 0.92 -28.65
C GLY A 28 5.82 1.34 -29.73
N SER A 29 6.05 0.39 -30.64
CA SER A 29 6.84 0.60 -31.85
C SER A 29 6.28 -0.30 -32.94
N VAL A 30 6.33 0.19 -34.18
CA VAL A 30 5.98 -0.58 -35.37
C VAL A 30 7.14 -0.44 -36.35
N ASN A 31 7.71 -1.57 -36.76
CA ASN A 31 8.91 -1.58 -37.61
C ASN A 31 9.95 -0.59 -37.09
N GLY A 32 10.09 -0.55 -35.77
CA GLY A 32 11.13 0.26 -35.14
C GLY A 32 10.78 1.70 -34.88
N HIS A 33 9.65 2.18 -35.40
CA HIS A 33 9.22 3.56 -35.15
C HIS A 33 8.48 3.64 -33.82
N GLU A 34 9.08 4.35 -32.86
CA GLU A 34 8.54 4.41 -31.51
C GLU A 34 7.47 5.49 -31.40
N PHE A 35 6.49 5.26 -30.54
CA PHE A 35 5.43 6.24 -30.29
C PHE A 35 4.79 6.00 -28.93
N GLU A 36 4.03 7.00 -28.49
CA GLU A 36 3.16 6.93 -27.32
C GLU A 36 1.85 7.62 -27.65
N ILE A 37 0.77 7.10 -27.08
CA ILE A 37 -0.58 7.63 -27.25
C ILE A 37 -1.22 7.73 -25.88
N GLU A 38 -1.94 8.83 -25.64
CA GLU A 38 -2.78 9.02 -24.46
C GLU A 38 -4.22 9.25 -24.91
N GLY A 39 -5.16 8.60 -24.22
CA GLY A 39 -6.55 8.64 -24.62
C GLY A 39 -7.50 8.71 -23.44
N GLU A 40 -8.71 9.18 -23.74
CA GLU A 40 -9.83 9.21 -22.82
C GLU A 40 -11.04 8.59 -23.51
N GLY A 41 -11.75 7.71 -22.79
CA GLY A 41 -12.92 7.07 -23.35
C GLY A 41 -14.06 7.03 -22.35
N GLU A 42 -15.23 6.60 -22.84
CA GLU A 42 -16.45 6.53 -22.05
C GLU A 42 -17.45 5.64 -22.77
N GLY A 43 -18.41 5.12 -22.02
CA GLY A 43 -19.46 4.32 -22.64
C GLY A 43 -20.41 3.72 -21.63
N ARG A 44 -21.20 2.77 -22.13
CA ARG A 44 -22.28 2.15 -21.36
C ARG A 44 -22.00 0.66 -21.30
N PRO A 45 -21.33 0.19 -20.22
CA PRO A 45 -20.79 -1.17 -20.23
C PRO A 45 -21.83 -2.26 -20.42
N TYR A 46 -23.07 -2.05 -19.97
CA TYR A 46 -24.11 -3.07 -20.08
C TYR A 46 -24.82 -3.03 -21.42
N GLU A 47 -24.72 -1.93 -22.17
CA GLU A 47 -25.27 -1.84 -23.50
C GLU A 47 -24.24 -2.14 -24.60
N GLY A 48 -22.96 -2.22 -24.26
CA GLY A 48 -21.96 -2.61 -25.22
C GLY A 48 -21.50 -1.53 -26.17
N THR A 49 -21.62 -0.25 -25.78
CA THR A 49 -21.23 0.86 -26.64
C THR A 49 -20.19 1.72 -25.93
N GLN A 50 -19.27 2.28 -26.71
CA GLN A 50 -18.20 3.12 -26.16
C GLN A 50 -17.54 3.93 -27.26
N THR A 51 -16.94 5.06 -26.85
CA THR A 51 -16.14 5.90 -27.72
C THR A 51 -14.82 6.23 -27.03
N ALA A 52 -13.86 6.75 -27.80
CA ALA A 52 -12.60 7.18 -27.23
C ALA A 52 -11.98 8.24 -28.15
N LYS A 53 -11.23 9.15 -27.53
CA LYS A 53 -10.42 10.13 -28.26
C LYS A 53 -8.97 9.88 -27.90
N LEU A 54 -8.13 9.66 -28.92
CA LEU A 54 -6.72 9.32 -28.75
C LEU A 54 -5.84 10.43 -29.32
N LYS A 55 -4.71 10.69 -28.65
N LYS A 55 -4.70 10.68 -28.65
CA LYS A 55 -3.75 11.70 -29.05
CA LYS A 55 -3.76 11.71 -29.08
C LYS A 55 -2.37 11.07 -29.09
C LYS A 55 -2.35 11.13 -29.07
N VAL A 56 -1.64 11.29 -30.18
CA VAL A 56 -0.27 10.82 -30.31
C VAL A 56 0.64 11.86 -29.66
N THR A 57 1.23 11.51 -28.51
CA THR A 57 2.05 12.45 -27.75
C THR A 57 3.54 12.34 -28.07
N LYS A 58 3.99 11.22 -28.61
CA LYS A 58 5.38 10.99 -28.99
C LYS A 58 5.39 10.21 -30.30
N GLY A 59 6.23 10.64 -31.25
CA GLY A 59 6.43 9.91 -32.49
C GLY A 59 5.47 10.25 -33.61
N GLY A 60 4.61 11.25 -33.45
CA GLY A 60 3.69 11.63 -34.50
C GLY A 60 4.34 12.46 -35.59
N PRO A 61 3.80 12.39 -36.81
CA PRO A 61 2.73 11.47 -37.26
C PRO A 61 3.24 10.04 -37.48
N LEU A 62 2.37 9.07 -37.20
CA LEU A 62 2.76 7.67 -37.33
C LEU A 62 2.95 7.32 -38.80
N PRO A 63 4.07 6.68 -39.18
CA PRO A 63 4.27 6.33 -40.58
C PRO A 63 3.70 4.96 -40.92
N PHE A 64 2.49 4.68 -40.43
CA PHE A 64 1.83 3.40 -40.66
C PHE A 64 0.35 3.56 -40.36
N ALA A 65 -0.42 2.55 -40.74
CA ALA A 65 -1.88 2.64 -40.68
C ALA A 65 -2.37 2.68 -39.24
N TRP A 66 -3.24 3.65 -38.94
CA TRP A 66 -3.88 3.70 -37.63
C TRP A 66 -4.66 2.42 -37.33
N ASP A 67 -5.20 1.76 -38.36
CA ASP A 67 -6.10 0.63 -38.13
C ASP A 67 -5.46 -0.52 -37.35
N ILE A 68 -4.13 -0.67 -37.35
CA ILE A 68 -3.55 -1.77 -36.57
C ILE A 68 -3.56 -1.45 -35.07
N LEU A 69 -3.71 -0.16 -34.70
CA LEU A 69 -3.77 0.23 -33.31
C LEU A 69 -5.19 0.29 -32.75
N SER A 70 -6.20 0.52 -33.59
CA SER A 70 -7.53 0.84 -33.08
C SER A 70 -8.17 -0.28 -32.25
N PRO A 71 -7.95 -1.57 -32.53
CA PRO A 71 -8.55 -2.62 -31.68
C PRO A 71 -7.86 -2.80 -30.33
N GLN A 72 -6.80 -2.06 -30.03
CA GLN A 72 -6.13 -2.19 -28.74
C GLN A 72 -6.64 -1.19 -27.70
N PHE A 73 -7.48 -0.25 -28.09
CA PHE A 73 -7.97 0.76 -27.15
C PHE A 73 -9.31 0.34 -26.56
N1 NRQ A 74 -10.04 -0.83 -26.86
CE NRQ A 74 -12.92 3.03 -27.94
SD NRQ A 74 -13.17 1.71 -29.16
CG1 NRQ A 74 -12.61 0.15 -28.43
CB1 NRQ A 74 -11.18 -0.15 -28.89
CA1 NRQ A 74 -10.59 -1.19 -27.93
C1 NRQ A 74 -10.71 -2.68 -28.23
N2 NRQ A 74 -11.41 -3.26 -29.35
OH NRQ A 74 -12.90 -5.82 -35.46
CD2 NRQ A 74 -12.06 -6.93 -32.09
CE2 NRQ A 74 -12.36 -6.96 -33.42
CZ NRQ A 74 -12.58 -5.77 -34.09
CE1 NRQ A 74 -12.50 -4.55 -33.42
CD1 NRQ A 74 -12.20 -4.51 -32.07
CG2 NRQ A 74 -11.98 -5.72 -31.43
CB2 NRQ A 74 -11.67 -5.69 -29.93
CA2 NRQ A 74 -11.26 -4.68 -29.22
C2 NRQ A 74 -10.45 -4.96 -27.96
O2 NRQ A 74 -10.12 -6.01 -27.52
N3 NRQ A 74 -10.14 -3.67 -27.36
CA3 NRQ A 74 -9.32 -3.57 -26.17
C3 NRQ A 74 -9.96 -3.15 -24.86
O3 NRQ A 74 -9.17 -2.95 -23.90
HE1A NRQ A 74 -11.85 3.13 -27.73
HE2A NRQ A 74 -13.44 2.77 -27.03
HE3 NRQ A 74 -13.30 3.96 -28.34
HG11 NRQ A 74 -12.63 0.22 -27.35
HG12 NRQ A 74 -13.27 -0.66 -28.75
HB11 NRQ A 74 -10.59 0.76 -28.86
HB12 NRQ A 74 -11.19 -0.56 -29.90
HOH NRQ A 74 -13.61 -5.22 -35.64
HD2 NRQ A 74 -11.89 -7.85 -31.55
HE2 NRQ A 74 -12.43 -7.90 -33.95
HE1 NRQ A 74 -12.69 -3.63 -33.96
HD1 NRQ A 74 -12.15 -3.57 -31.54
HB2 NRQ A 74 -11.84 -6.62 -29.40
HA31 NRQ A 74 -8.87 -4.54 -25.99
HA32 NRQ A 74 -8.53 -2.84 -26.38
N SER A 75 -11.36 -2.93 -25.01
CA SER A 75 -11.99 -2.35 -23.83
C SER A 75 -13.15 -3.30 -23.49
N LYS A 76 -12.81 -4.49 -22.97
CA LYS A 76 -13.74 -5.62 -22.92
C LYS A 76 -14.71 -5.57 -21.75
N ALA A 77 -14.61 -4.58 -20.86
CA ALA A 77 -15.67 -4.38 -19.88
C ALA A 77 -16.96 -3.89 -20.54
N TYR A 78 -16.91 -3.44 -21.79
CA TYR A 78 -18.07 -2.86 -22.44
C TYR A 78 -18.65 -3.81 -23.49
N VAL A 79 -18.96 -5.05 -23.10
CA VAL A 79 -19.59 -6.02 -23.98
C VAL A 79 -20.94 -6.37 -23.37
N LYS A 80 -22.02 -6.19 -24.14
CA LYS A 80 -23.34 -6.60 -23.69
C LYS A 80 -23.40 -8.12 -23.58
N HIS A 81 -23.76 -8.62 -22.39
CA HIS A 81 -23.84 -10.06 -22.20
C HIS A 81 -25.26 -10.50 -21.84
N PRO A 82 -25.72 -11.62 -22.37
CA PRO A 82 -26.97 -12.21 -21.87
C PRO A 82 -26.79 -12.63 -20.42
N ALA A 83 -27.91 -12.72 -19.71
CA ALA A 83 -27.85 -13.00 -18.29
C ALA A 83 -27.28 -14.38 -18.00
N ASP A 84 -27.48 -15.34 -18.90
CA ASP A 84 -27.03 -16.71 -18.68
C ASP A 84 -25.61 -16.96 -19.17
N ILE A 85 -24.88 -15.93 -19.57
CA ILE A 85 -23.47 -16.05 -19.91
C ILE A 85 -22.67 -15.24 -18.91
N PRO A 86 -21.93 -15.86 -17.99
CA PRO A 86 -21.14 -15.10 -17.02
C PRO A 86 -20.24 -14.06 -17.67
N ASP A 87 -20.37 -12.81 -17.21
CA ASP A 87 -19.57 -11.69 -17.73
C ASP A 87 -18.25 -11.64 -16.95
N TYR A 88 -17.41 -12.62 -17.26
CA TYR A 88 -16.15 -12.85 -16.54
C TYR A 88 -15.33 -11.58 -16.39
N LEU A 89 -15.25 -10.78 -17.44
CA LEU A 89 -14.35 -9.62 -17.38
C LEU A 89 -14.95 -8.48 -16.55
N LYS A 90 -16.28 -8.34 -16.52
CA LYS A 90 -16.88 -7.41 -15.55
C LYS A 90 -16.71 -7.93 -14.13
N LEU A 91 -16.83 -9.24 -13.93
CA LEU A 91 -16.71 -9.79 -12.58
C LEU A 91 -15.31 -9.60 -12.00
N SER A 92 -14.31 -9.31 -12.83
CA SER A 92 -12.94 -9.20 -12.36
C SER A 92 -12.65 -7.92 -11.60
N PHE A 93 -13.51 -6.93 -11.67
CA PHE A 93 -13.23 -5.64 -11.06
C PHE A 93 -13.66 -5.63 -9.60
N PRO A 94 -13.08 -4.72 -8.77
CA PRO A 94 -12.20 -3.61 -9.15
C PRO A 94 -10.75 -3.94 -9.49
N GLU A 95 -10.25 -5.10 -9.05
CA GLU A 95 -8.87 -5.47 -9.38
C GLU A 95 -8.66 -5.40 -10.89
N GLY A 96 -9.52 -6.08 -11.65
CA GLY A 96 -9.47 -6.04 -13.09
C GLY A 96 -8.90 -7.27 -13.75
N PHE A 97 -8.36 -7.09 -14.96
CA PHE A 97 -7.90 -8.21 -15.76
C PHE A 97 -6.76 -7.74 -16.67
N LYS A 98 -6.09 -8.72 -17.28
CA LYS A 98 -5.01 -8.47 -18.22
C LYS A 98 -5.28 -9.27 -19.48
N TRP A 99 -4.72 -8.83 -20.61
CA TRP A 99 -4.77 -9.66 -21.79
C TRP A 99 -3.47 -9.60 -22.59
N GLU A 100 -3.23 -10.69 -23.33
CA GLU A 100 -2.09 -10.88 -24.22
C GLU A 100 -2.63 -11.29 -25.59
N ARG A 101 -2.18 -10.59 -26.65
CA ARG A 101 -2.72 -10.79 -27.99
C ARG A 101 -1.60 -10.86 -29.01
N VAL A 102 -1.76 -11.80 -29.96
CA VAL A 102 -0.94 -11.88 -31.16
C VAL A 102 -1.84 -11.74 -32.38
N MET A 103 -1.51 -10.77 -33.26
CA MET A 103 -2.14 -10.60 -34.57
C MET A 103 -1.13 -11.03 -35.63
N ASN A 104 -1.44 -12.10 -36.38
CA ASN A 104 -0.60 -12.53 -37.50
C ASN A 104 -1.26 -12.10 -38.81
N PHE A 105 -0.69 -11.06 -39.44
CA PHE A 105 -1.22 -10.55 -40.70
C PHE A 105 -0.76 -11.42 -41.88
N GLU A 106 -1.59 -11.42 -42.93
CA GLU A 106 -1.39 -12.40 -44.00
C GLU A 106 -0.15 -12.15 -44.84
N ASP A 107 0.50 -10.99 -44.74
CA ASP A 107 1.74 -10.75 -45.47
C ASP A 107 2.98 -10.81 -44.57
N GLY A 108 2.84 -11.35 -43.36
CA GLY A 108 3.96 -11.59 -42.48
C GLY A 108 4.08 -10.62 -41.32
N GLY A 109 3.36 -9.51 -41.36
CA GLY A 109 3.39 -8.58 -40.24
C GLY A 109 2.88 -9.25 -38.98
N VAL A 110 3.49 -8.89 -37.86
CA VAL A 110 3.12 -9.43 -36.56
C VAL A 110 2.94 -8.28 -35.58
N VAL A 111 1.80 -8.25 -34.89
CA VAL A 111 1.55 -7.30 -33.81
C VAL A 111 1.32 -8.10 -32.54
N THR A 112 2.12 -7.83 -31.50
CA THR A 112 1.91 -8.37 -30.17
C THR A 112 1.48 -7.24 -29.23
N VAL A 113 0.56 -7.56 -28.32
CA VAL A 113 -0.04 -6.57 -27.44
C VAL A 113 -0.15 -7.15 -26.03
N THR A 114 0.21 -6.35 -25.02
CA THR A 114 -0.06 -6.64 -23.62
C THR A 114 -0.86 -5.47 -23.04
N GLN A 115 -1.80 -5.78 -22.14
CA GLN A 115 -2.72 -4.78 -21.62
C GLN A 115 -3.13 -5.13 -20.19
N ASP A 116 -3.16 -4.11 -19.33
CA ASP A 116 -3.62 -4.22 -17.94
C ASP A 116 -4.84 -3.32 -17.77
N SER A 117 -5.95 -3.89 -17.28
CA SER A 117 -7.17 -3.15 -17.00
C SER A 117 -7.46 -3.16 -15.50
N SER A 118 -7.75 -1.98 -14.95
CA SER A 118 -8.06 -1.86 -13.53
C SER A 118 -9.10 -0.76 -13.36
N LEU A 119 -9.70 -0.72 -12.17
CA LEU A 119 -10.66 0.31 -11.82
C LEU A 119 -10.04 1.14 -10.70
N GLN A 120 -9.81 2.43 -10.97
CA GLN A 120 -9.17 3.31 -10.00
C GLN A 120 -10.01 4.57 -9.83
N ASP A 121 -10.37 4.88 -8.58
CA ASP A 121 -11.14 6.06 -8.22
C ASP A 121 -12.27 6.26 -9.21
N GLY A 122 -12.98 5.18 -9.56
CA GLY A 122 -14.23 5.26 -10.28
C GLY A 122 -14.14 5.23 -11.80
N GLU A 123 -12.94 5.09 -12.36
CA GLU A 123 -12.72 5.06 -13.80
C GLU A 123 -11.88 3.83 -14.14
N PHE A 124 -12.10 3.28 -15.34
CA PHE A 124 -11.22 2.23 -15.84
C PHE A 124 -9.89 2.81 -16.27
N ILE A 125 -8.80 2.11 -15.97
CA ILE A 125 -7.45 2.55 -16.30
C ILE A 125 -6.80 1.46 -17.14
N TYR A 126 -6.38 1.82 -18.36
CA TYR A 126 -5.80 0.89 -19.33
C TYR A 126 -4.35 1.27 -19.60
N LYS A 127 -3.45 0.30 -19.53
CA LYS A 127 -2.05 0.49 -19.90
C LYS A 127 -1.71 -0.56 -20.96
N VAL A 128 -1.24 -0.10 -22.11
CA VAL A 128 -1.00 -0.94 -23.28
C VAL A 128 0.46 -0.85 -23.70
N LYS A 129 1.05 -2.00 -24.06
CA LYS A 129 2.34 -2.06 -24.73
C LYS A 129 2.15 -2.84 -26.04
N LEU A 130 2.69 -2.30 -27.14
CA LEU A 130 2.49 -2.89 -28.46
C LEU A 130 3.80 -2.94 -29.21
N ARG A 131 4.05 -4.05 -29.88
CA ARG A 131 5.21 -4.19 -30.76
C ARG A 131 4.77 -4.79 -32.08
N GLY A 132 4.90 -4.02 -33.15
CA GLY A 132 4.66 -4.49 -34.50
C GLY A 132 5.98 -4.64 -35.23
N THR A 133 6.13 -5.79 -35.90
CA THR A 133 7.35 -6.12 -36.61
C THR A 133 7.01 -6.82 -37.92
N ASN A 134 7.98 -6.85 -38.82
CA ASN A 134 7.96 -7.69 -40.02
C ASN A 134 6.94 -7.22 -41.06
N PHE A 135 6.50 -5.97 -40.99
CA PHE A 135 5.60 -5.48 -42.02
C PHE A 135 6.38 -5.11 -43.28
N PRO A 136 6.04 -5.66 -44.45
CA PRO A 136 6.76 -5.26 -45.66
C PRO A 136 6.67 -3.75 -45.87
N SER A 137 7.79 -3.14 -46.26
CA SER A 137 7.83 -1.69 -46.40
C SER A 137 6.89 -1.19 -47.49
N ASP A 138 6.55 -2.03 -48.46
CA ASP A 138 5.63 -1.66 -49.53
C ASP A 138 4.23 -2.22 -49.33
N GLY A 139 3.94 -2.82 -48.16
CA GLY A 139 2.63 -3.34 -47.89
C GLY A 139 1.67 -2.28 -47.40
N PRO A 140 0.41 -2.68 -47.19
CA PRO A 140 -0.64 -1.66 -46.93
C PRO A 140 -0.57 -1.03 -45.56
N VAL A 141 0.06 -1.67 -44.57
CA VAL A 141 0.19 -1.04 -43.26
C VAL A 141 1.19 0.11 -43.32
N MET A 142 2.42 -0.17 -43.79
CA MET A 142 3.42 0.89 -43.81
C MET A 142 3.13 1.93 -44.90
N GLN A 143 2.36 1.58 -45.92
CA GLN A 143 1.98 2.56 -46.95
C GLN A 143 0.65 3.24 -46.65
N LYS A 144 0.00 2.92 -45.54
CA LYS A 144 -1.26 3.56 -45.12
C LYS A 144 -2.33 3.46 -46.21
N LYS A 145 -2.60 2.22 -46.59
CA LYS A 145 -3.58 1.89 -47.63
C LYS A 145 -4.78 1.11 -47.09
N THR A 146 -4.99 1.11 -45.77
CA THR A 146 -6.12 0.41 -45.16
C THR A 146 -7.26 1.40 -44.93
N MET A 147 -8.49 0.86 -44.89
N MET A 147 -8.49 0.87 -44.86
CA MET A 147 -9.72 1.68 -44.82
CA MET A 147 -9.67 1.72 -44.77
C MET A 147 -10.70 1.13 -43.78
C MET A 147 -10.70 1.14 -43.79
N GLY A 148 -10.22 0.70 -42.63
CA GLY A 148 -11.11 0.26 -41.58
C GLY A 148 -11.40 -1.23 -41.57
N TRP A 149 -11.82 -1.71 -40.39
CA TRP A 149 -12.17 -3.10 -40.15
C TRP A 149 -13.60 -3.41 -40.54
N GLU A 150 -13.81 -4.58 -41.13
CA GLU A 150 -15.15 -5.14 -41.25
C GLU A 150 -15.60 -5.63 -39.89
N ALA A 151 -16.91 -5.80 -39.73
CA ALA A 151 -17.43 -6.41 -38.51
C ALA A 151 -16.76 -7.75 -38.25
N SER A 152 -16.55 -8.05 -36.97
CA SER A 152 -15.84 -9.24 -36.52
C SER A 152 -16.76 -10.12 -35.68
N SER A 153 -16.42 -11.41 -35.62
CA SER A 153 -17.00 -12.35 -34.66
C SER A 153 -15.84 -13.00 -33.90
N GLU A 154 -15.74 -12.71 -32.60
CA GLU A 154 -14.68 -13.27 -31.78
C GLU A 154 -15.23 -14.51 -31.08
N ARG A 155 -14.63 -15.67 -31.37
CA ARG A 155 -15.04 -16.93 -30.75
C ARG A 155 -14.37 -17.05 -29.39
N MET A 156 -15.18 -17.05 -28.31
CA MET A 156 -14.68 -17.12 -26.94
C MET A 156 -14.83 -18.53 -26.39
N TYR A 157 -13.85 -18.98 -25.61
CA TYR A 157 -13.93 -20.27 -24.94
C TYR A 157 -12.99 -20.30 -23.75
N PRO A 158 -13.32 -21.05 -22.70
CA PRO A 158 -12.42 -21.13 -21.54
C PRO A 158 -11.33 -22.17 -21.77
N GLU A 159 -10.13 -21.87 -21.30
CA GLU A 159 -9.01 -22.78 -21.46
C GLU A 159 -7.89 -22.38 -20.53
N ASP A 160 -7.28 -23.36 -19.87
CA ASP A 160 -6.13 -23.14 -19.01
C ASP A 160 -6.38 -21.97 -18.03
N GLY A 161 -7.50 -22.04 -17.32
CA GLY A 161 -7.80 -21.07 -16.29
C GLY A 161 -7.99 -19.66 -16.77
N ALA A 162 -8.25 -19.45 -18.06
CA ALA A 162 -8.43 -18.11 -18.59
C ALA A 162 -9.47 -18.16 -19.69
N LEU A 163 -9.79 -16.99 -20.23
CA LEU A 163 -10.75 -16.84 -21.32
C LEU A 163 -9.96 -16.55 -22.59
N LYS A 164 -10.13 -17.42 -23.59
CA LYS A 164 -9.47 -17.28 -24.88
C LYS A 164 -10.43 -16.71 -25.92
N GLY A 165 -9.89 -15.92 -26.85
CA GLY A 165 -10.67 -15.47 -28.00
C GLY A 165 -9.86 -15.58 -29.28
N GLU A 166 -10.58 -15.90 -30.36
CA GLU A 166 -9.97 -16.04 -31.69
C GLU A 166 -10.79 -15.32 -32.75
N ILE A 167 -10.11 -14.59 -33.63
CA ILE A 167 -10.77 -13.80 -34.65
C ILE A 167 -10.05 -13.94 -35.98
N LYS A 168 -10.83 -14.09 -37.05
CA LYS A 168 -10.35 -13.88 -38.42
C LYS A 168 -10.78 -12.46 -38.77
N GLN A 169 -9.87 -11.50 -38.54
CA GLN A 169 -10.17 -10.08 -38.60
C GLN A 169 -9.75 -9.51 -39.95
N ARG A 170 -10.61 -8.67 -40.54
CA ARG A 170 -10.47 -8.28 -41.93
C ARG A 170 -10.48 -6.76 -42.10
N LEU A 171 -9.40 -6.22 -42.69
CA LEU A 171 -9.31 -4.82 -43.06
C LEU A 171 -9.68 -4.61 -44.53
N LYS A 172 -10.40 -3.53 -44.81
CA LYS A 172 -10.63 -3.10 -46.18
C LYS A 172 -9.39 -2.40 -46.71
N LEU A 173 -9.17 -2.49 -48.02
CA LEU A 173 -8.04 -1.85 -48.67
C LEU A 173 -8.49 -0.73 -49.59
N LYS A 174 -7.69 0.34 -49.61
CA LYS A 174 -8.07 1.57 -50.30
C LYS A 174 -8.35 1.32 -51.78
N ASP A 175 -7.51 0.55 -52.45
CA ASP A 175 -7.66 0.39 -53.90
C ASP A 175 -8.52 -0.81 -54.28
N GLY A 176 -9.18 -1.44 -53.31
CA GLY A 176 -9.99 -2.62 -53.53
C GLY A 176 -9.35 -3.84 -52.91
N GLY A 177 -10.20 -4.80 -52.53
CA GLY A 177 -9.73 -6.00 -51.84
C GLY A 177 -9.69 -5.81 -50.34
N HIS A 178 -9.06 -6.77 -49.67
N HIS A 178 -9.18 -6.86 -49.67
CA HIS A 178 -9.04 -6.78 -48.22
CA HIS A 178 -9.14 -6.94 -48.21
C HIS A 178 -7.75 -7.45 -47.76
C HIS A 178 -7.79 -7.50 -47.75
N TYR A 179 -7.54 -7.41 -46.44
CA TYR A 179 -6.25 -7.75 -45.83
C TYR A 179 -6.54 -8.30 -44.44
N ASP A 180 -6.14 -9.55 -44.19
CA ASP A 180 -6.60 -10.30 -43.03
C ASP A 180 -5.52 -10.46 -41.96
N ALA A 181 -5.98 -10.69 -40.72
CA ALA A 181 -5.12 -11.13 -39.63
C ALA A 181 -5.79 -12.28 -38.89
N GLU A 182 -4.99 -13.26 -38.48
CA GLU A 182 -5.42 -14.27 -37.53
C GLU A 182 -5.07 -13.77 -36.13
N VAL A 183 -6.08 -13.57 -35.29
CA VAL A 183 -5.91 -12.94 -33.98
C VAL A 183 -6.26 -13.94 -32.90
N LYS A 184 -5.38 -14.06 -31.90
CA LYS A 184 -5.64 -14.89 -30.71
C LYS A 184 -5.30 -14.06 -29.48
N THR A 185 -6.21 -14.06 -28.51
CA THR A 185 -6.05 -13.28 -27.29
C THR A 185 -6.38 -14.15 -26.08
N THR A 186 -5.60 -13.97 -25.02
CA THR A 186 -5.87 -14.56 -23.71
C THR A 186 -6.28 -13.43 -22.77
N TYR A 187 -7.45 -13.56 -22.14
CA TYR A 187 -7.96 -12.58 -21.19
C TYR A 187 -8.06 -13.26 -19.83
N LYS A 188 -7.38 -12.71 -18.81
CA LYS A 188 -7.31 -13.40 -17.52
C LYS A 188 -7.59 -12.43 -16.37
N ALA A 189 -8.58 -12.77 -15.55
CA ALA A 189 -8.89 -11.97 -14.37
C ALA A 189 -7.76 -12.06 -13.35
N LYS A 190 -7.57 -10.97 -12.59
CA LYS A 190 -6.55 -10.96 -11.56
C LYS A 190 -6.94 -11.72 -10.31
N LYS A 191 -8.20 -12.17 -10.21
CA LYS A 191 -8.68 -13.01 -9.13
C LYS A 191 -9.59 -14.05 -9.75
N PRO A 192 -9.68 -15.24 -9.17
CA PRO A 192 -10.53 -16.27 -9.76
C PRO A 192 -12.00 -15.87 -9.75
N VAL A 193 -12.59 -15.64 -10.92
CA VAL A 193 -14.02 -15.45 -11.05
C VAL A 193 -14.55 -16.46 -12.07
N GLN A 194 -15.87 -16.53 -12.18
CA GLN A 194 -16.52 -17.58 -12.94
C GLN A 194 -16.26 -17.41 -14.43
N LEU A 195 -15.73 -18.44 -15.05
CA LEU A 195 -15.53 -18.46 -16.49
C LEU A 195 -16.83 -18.87 -17.20
N PRO A 196 -17.13 -18.28 -18.34
CA PRO A 196 -18.27 -18.74 -19.13
C PRO A 196 -17.91 -20.00 -19.89
N GLY A 197 -18.95 -20.61 -20.49
CA GLY A 197 -18.75 -21.59 -21.53
C GLY A 197 -18.45 -20.88 -22.84
N ALA A 198 -18.37 -21.67 -23.91
CA ALA A 198 -18.05 -21.11 -25.22
C ALA A 198 -19.18 -20.23 -25.74
N TYR A 199 -18.82 -19.11 -26.36
CA TYR A 199 -19.80 -18.21 -26.99
C TYR A 199 -19.09 -17.30 -27.97
N ASN A 200 -19.89 -16.51 -28.71
CA ASN A 200 -19.36 -15.58 -29.71
C ASN A 200 -19.65 -14.13 -29.31
N VAL A 201 -18.76 -13.22 -29.71
CA VAL A 201 -18.98 -11.79 -29.52
C VAL A 201 -18.93 -11.11 -30.89
N ASN A 202 -20.01 -10.40 -31.22
CA ASN A 202 -20.08 -9.64 -32.45
C ASN A 202 -19.63 -8.21 -32.18
N ILE A 203 -18.73 -7.70 -33.02
CA ILE A 203 -18.01 -6.46 -32.75
C ILE A 203 -17.95 -5.63 -34.03
N LYS A 204 -18.20 -4.33 -33.91
CA LYS A 204 -17.92 -3.40 -35.01
C LYS A 204 -17.22 -2.16 -34.46
N LEU A 205 -16.06 -1.86 -35.02
CA LEU A 205 -15.27 -0.69 -34.63
CA LEU A 205 -15.25 -0.71 -34.65
C LEU A 205 -15.20 0.27 -35.81
N ASP A 206 -15.56 1.53 -35.55
CA ASP A 206 -15.54 2.59 -36.55
C ASP A 206 -14.59 3.72 -36.12
N ILE A 207 -13.83 4.25 -37.06
CA ILE A 207 -13.13 5.52 -36.87
C ILE A 207 -14.12 6.63 -37.23
N THR A 208 -14.53 7.41 -36.24
CA THR A 208 -15.55 8.42 -36.48
C THR A 208 -14.98 9.77 -36.91
N SER A 209 -13.73 10.06 -36.57
CA SER A 209 -13.09 11.29 -37.05
C SER A 209 -11.59 11.23 -36.79
N HIS A 210 -10.85 12.09 -37.49
CA HIS A 210 -9.40 12.15 -37.31
C HIS A 210 -8.89 13.42 -37.95
N ASN A 211 -7.77 13.95 -37.43
CA ASN A 211 -7.13 15.06 -38.12
C ASN A 211 -6.31 14.52 -39.30
N GLU A 212 -5.72 15.43 -40.06
CA GLU A 212 -5.15 15.03 -41.35
C GLU A 212 -4.07 13.97 -41.19
N ASP A 213 -3.23 14.08 -40.16
CA ASP A 213 -2.10 13.17 -40.00
C ASP A 213 -2.33 12.09 -38.93
N TYR A 214 -3.57 11.93 -38.47
CA TYR A 214 -3.95 10.88 -37.52
C TYR A 214 -3.22 11.02 -36.18
N THR A 215 -2.87 12.24 -35.77
CA THR A 215 -2.34 12.43 -34.43
C THR A 215 -3.43 12.72 -33.40
N ILE A 216 -4.66 12.97 -33.85
CA ILE A 216 -5.85 12.98 -33.01
C ILE A 216 -6.91 12.14 -33.72
N VAL A 217 -7.46 11.13 -33.02
CA VAL A 217 -8.38 10.18 -33.62
C VAL A 217 -9.51 9.86 -32.65
N GLU A 218 -10.75 9.76 -33.17
CA GLU A 218 -11.90 9.30 -32.38
C GLU A 218 -12.47 7.99 -32.93
N GLN A 219 -12.81 7.08 -32.02
CA GLN A 219 -13.30 5.75 -32.36
C GLN A 219 -14.63 5.47 -31.66
N TYR A 220 -15.39 4.54 -32.24
CA TYR A 220 -16.64 4.05 -31.67
C TYR A 220 -16.69 2.53 -31.84
N GLU A 221 -17.18 1.82 -30.83
CA GLU A 221 -17.25 0.36 -30.91
C GLU A 221 -18.51 -0.16 -30.24
N ARG A 222 -19.17 -1.11 -30.91
CA ARG A 222 -20.30 -1.84 -30.36
C ARG A 222 -19.94 -3.32 -30.30
N ALA A 223 -20.24 -3.96 -29.17
CA ALA A 223 -19.91 -5.37 -28.96
C ALA A 223 -21.02 -6.02 -28.14
N GLU A 224 -21.41 -7.22 -28.57
CA GLU A 224 -22.49 -7.96 -27.92
C GLU A 224 -22.21 -9.45 -27.99
N GLY A 225 -22.32 -10.12 -26.84
CA GLY A 225 -22.15 -11.56 -26.78
C GLY A 225 -23.46 -12.29 -27.00
N ARG A 226 -23.34 -13.52 -27.50
CA ARG A 226 -24.50 -14.36 -27.76
C ARG A 226 -24.05 -15.80 -27.88
N HIS A 227 -25.01 -16.72 -27.78
CA HIS A 227 -24.68 -18.14 -27.80
C HIS A 227 -24.20 -18.58 -29.17
N SER A 228 -23.25 -19.52 -29.17
CA SER A 228 -22.65 -19.98 -30.41
C SER A 228 -23.72 -20.50 -31.36
N THR A 229 -23.53 -20.20 -32.65
CA THR A 229 -24.42 -20.65 -33.72
C THR A 229 -25.89 -20.62 -33.34
N ASN B 12 26.67 7.11 -8.82
CA ASN B 12 27.27 6.72 -7.56
C ASN B 12 28.00 7.89 -6.90
N MET B 13 27.74 9.11 -7.39
CA MET B 13 28.39 10.31 -6.88
C MET B 13 27.45 11.19 -6.06
N ALA B 14 26.24 11.45 -6.57
CA ALA B 14 25.34 12.39 -5.94
C ALA B 14 24.65 11.77 -4.73
N ILE B 15 24.02 12.65 -3.95
CA ILE B 15 23.29 12.22 -2.75
C ILE B 15 21.92 11.66 -3.13
N ILE B 16 21.23 12.30 -4.06
CA ILE B 16 19.92 11.85 -4.52
C ILE B 16 20.13 11.14 -5.85
N LYS B 17 20.00 9.81 -5.83
CA LYS B 17 20.17 9.02 -7.03
C LYS B 17 18.94 9.15 -7.94
N GLU B 18 19.10 8.67 -9.19
CA GLU B 18 17.98 8.69 -10.12
C GLU B 18 16.88 7.73 -9.71
N PHE B 19 17.18 6.75 -8.86
CA PHE B 19 16.20 5.88 -8.23
C PHE B 19 16.42 5.93 -6.72
N MET B 20 15.34 6.15 -5.97
CA MET B 20 15.43 6.24 -4.51
C MET B 20 14.22 5.59 -3.86
N ARG B 21 14.47 4.90 -2.75
CA ARG B 21 13.42 4.30 -1.93
C ARG B 21 13.19 5.15 -0.69
N PHE B 22 12.02 4.96 -0.08
CA PHE B 22 11.72 5.60 1.19
C PHE B 22 10.89 4.67 2.06
N LYS B 23 10.92 4.95 3.36
CA LYS B 23 10.05 4.32 4.35
C LYS B 23 9.32 5.42 5.11
N VAL B 24 8.06 5.16 5.47
CA VAL B 24 7.23 6.17 6.10
C VAL B 24 6.48 5.56 7.27
N HIS B 25 6.35 6.36 8.33
CA HIS B 25 5.57 6.02 9.51
C HIS B 25 4.63 7.19 9.77
N MET B 26 3.33 6.88 9.89
CA MET B 26 2.33 7.88 10.24
C MET B 26 1.67 7.49 11.54
N GLU B 27 1.51 8.46 12.44
CA GLU B 27 0.69 8.33 13.63
C GLU B 27 -0.42 9.36 13.55
N GLY B 28 -1.65 8.99 13.93
CA GLY B 28 -2.67 10.01 13.90
C GLY B 28 -4.00 9.59 14.48
N SER B 29 -4.93 10.55 14.45
CA SER B 29 -6.33 10.30 14.75
C SER B 29 -7.22 11.20 13.89
N VAL B 30 -8.39 10.68 13.55
CA VAL B 30 -9.42 11.42 12.83
C VAL B 30 -10.71 11.30 13.61
N ASN B 31 -11.27 12.43 14.03
CA ASN B 31 -12.47 12.46 14.87
C ASN B 31 -12.33 11.52 16.06
N GLY B 32 -11.13 11.49 16.65
CA GLY B 32 -10.87 10.67 17.81
C GLY B 32 -10.45 9.24 17.54
N HIS B 33 -10.60 8.75 16.31
CA HIS B 33 -10.21 7.38 16.01
C HIS B 33 -8.70 7.31 15.77
N GLU B 34 -7.97 6.60 16.65
CA GLU B 34 -6.53 6.54 16.58
CA GLU B 34 -6.53 6.54 16.58
C GLU B 34 -6.07 5.46 15.60
N PHE B 35 -4.92 5.69 14.95
CA PHE B 35 -4.38 4.71 14.02
C PHE B 35 -2.88 4.92 13.83
N GLU B 36 -2.23 3.92 13.23
CA GLU B 36 -0.85 4.02 12.77
C GLU B 36 -0.71 3.29 11.44
N ILE B 37 0.18 3.79 10.60
CA ILE B 37 0.45 3.26 9.27
C ILE B 37 1.95 3.17 9.08
N GLU B 38 2.41 2.06 8.50
CA GLU B 38 3.78 1.91 8.02
C GLU B 38 3.76 1.68 6.53
N GLY B 39 4.72 2.29 5.83
CA GLY B 39 4.78 2.18 4.38
C GLY B 39 6.19 2.15 3.86
N GLU B 40 6.30 1.72 2.60
CA GLU B 40 7.52 1.69 1.82
C GLU B 40 7.20 2.25 0.45
N GLY B 41 8.11 3.04 -0.12
CA GLY B 41 7.90 3.64 -1.42
C GLY B 41 9.19 3.69 -2.21
N GLU B 42 9.07 4.14 -3.47
CA GLU B 42 10.19 4.24 -4.40
C GLU B 42 9.76 5.09 -5.58
N GLY B 43 10.75 5.63 -6.31
CA GLY B 43 10.44 6.53 -7.41
C GLY B 43 11.69 7.07 -8.08
N ARG B 44 11.46 7.97 -9.03
CA ARG B 44 12.49 8.59 -9.85
C ARG B 44 12.49 10.09 -9.52
N PRO B 45 13.31 10.53 -8.56
CA PRO B 45 13.14 11.90 -8.05
C PRO B 45 13.29 12.99 -9.10
N TYR B 46 14.10 12.79 -10.14
CA TYR B 46 14.27 13.79 -11.18
C TYR B 46 13.22 13.70 -12.27
N GLU B 47 12.45 12.61 -12.31
CA GLU B 47 11.36 12.45 -13.27
C GLU B 47 10.00 12.71 -12.63
N GLY B 48 9.95 12.88 -11.31
CA GLY B 48 8.73 13.28 -10.64
C GLY B 48 7.69 12.20 -10.46
N THR B 49 8.11 10.94 -10.41
CA THR B 49 7.18 9.82 -10.33
C THR B 49 7.54 8.95 -9.14
N GLN B 50 6.52 8.38 -8.50
CA GLN B 50 6.75 7.56 -7.31
C GLN B 50 5.50 6.75 -7.00
N THR B 51 5.72 5.67 -6.24
CA THR B 51 4.64 4.83 -5.75
C THR B 51 4.90 4.50 -4.28
N ALA B 52 3.88 4.01 -3.60
CA ALA B 52 4.05 3.56 -2.23
C ALA B 52 3.02 2.49 -1.89
N LYS B 53 3.37 1.67 -0.91
CA LYS B 53 2.47 0.67 -0.35
C LYS B 53 2.38 0.92 1.15
N LEU B 54 1.16 1.15 1.63
CA LEU B 54 0.88 1.50 3.02
C LEU B 54 0.10 0.39 3.69
N LYS B 55 0.38 0.14 4.98
CA LYS B 55 -0.30 -0.89 5.76
C LYS B 55 -0.78 -0.27 7.06
N VAL B 56 -2.06 -0.47 7.39
CA VAL B 56 -2.59 0.02 8.64
C VAL B 56 -2.22 -0.99 9.72
N THR B 57 -1.27 -0.61 10.59
CA THR B 57 -0.78 -1.48 11.64
C THR B 57 -1.56 -1.36 12.95
N LYS B 58 -2.21 -0.23 13.19
CA LYS B 58 -3.02 -0.04 14.38
C LYS B 58 -4.30 0.71 13.98
N GLY B 59 -5.44 0.28 14.51
CA GLY B 59 -6.67 1.01 14.31
C GLY B 59 -7.47 0.63 13.08
N GLY B 60 -7.06 -0.39 12.32
CA GLY B 60 -7.77 -0.78 11.14
C GLY B 60 -8.93 -1.71 11.40
N PRO B 61 -9.95 -1.72 10.51
CA PRO B 61 -10.11 -0.84 9.34
C PRO B 61 -10.45 0.61 9.73
N LEU B 62 -9.96 1.59 8.98
CA LEU B 62 -10.24 2.99 9.31
C LEU B 62 -11.71 3.31 9.04
N PRO B 63 -12.43 3.92 10.00
CA PRO B 63 -13.82 4.30 9.75
C PRO B 63 -13.95 5.67 9.12
N PHE B 64 -13.11 5.96 8.13
CA PHE B 64 -13.17 7.23 7.40
C PHE B 64 -12.40 7.09 6.08
N ALA B 65 -12.56 8.10 5.24
CA ALA B 65 -12.02 8.07 3.88
C ALA B 65 -10.50 8.01 3.84
N TRP B 66 -9.96 7.00 3.14
CA TRP B 66 -8.52 6.94 2.94
C TRP B 66 -7.98 8.22 2.30
N ASP B 67 -8.80 8.87 1.45
CA ASP B 67 -8.32 9.98 0.63
C ASP B 67 -7.78 11.15 1.46
N ILE B 68 -8.23 11.33 2.71
CA ILE B 68 -7.69 12.47 3.44
C ILE B 68 -6.26 12.20 3.92
N LEU B 69 -5.81 10.93 3.90
CA LEU B 69 -4.45 10.58 4.27
C LEU B 69 -3.49 10.48 3.09
N SER B 70 -4.01 10.18 1.90
CA SER B 70 -3.12 9.88 0.79
C SER B 70 -2.15 11.00 0.44
N PRO B 71 -2.52 12.29 0.51
CA PRO B 71 -1.55 13.33 0.16
C PRO B 71 -0.47 13.55 1.22
N GLN B 72 -0.43 12.79 2.31
CA GLN B 72 0.59 12.96 3.33
C GLN B 72 1.77 12.00 3.20
N PHE B 73 1.69 11.02 2.30
CA PHE B 73 2.76 10.04 2.16
C PHE B 73 3.76 10.46 1.11
N1 NRQ B 74 3.65 11.59 0.24
CE NRQ B 74 3.35 7.60 -2.67
SD NRQ B 74 2.34 8.94 -3.38
CG1 NRQ B 74 2.93 10.52 -2.68
CB1 NRQ B 74 2.10 10.89 -1.45
CA1 NRQ B 74 2.82 11.94 -0.63
C1 NRQ B 74 2.54 13.42 -0.84
N2 NRQ B 74 1.68 13.98 -1.84
OH NRQ B 74 -3.80 16.32 -5.18
CD2 NRQ B 74 -0.90 17.60 -3.34
CE2 NRQ B 74 -2.09 17.57 -4.04
CZ NRQ B 74 -2.60 16.35 -4.46
CE1 NRQ B 74 -1.92 15.16 -4.18
CD1 NRQ B 74 -0.72 15.20 -3.48
CG2 NRQ B 74 -0.23 16.42 -3.05
CB2 NRQ B 74 1.10 16.41 -2.31
CA2 NRQ B 74 1.69 15.41 -1.68
C2 NRQ B 74 2.65 15.71 -0.54
O2 NRQ B 74 2.92 16.78 -0.12
N3 NRQ B 74 3.19 14.44 -0.03
CA3 NRQ B 74 4.08 14.33 1.10
C3 NRQ B 74 5.53 13.98 0.88
O3 NRQ B 74 6.22 13.74 1.90
HE1A NRQ B 74 4.37 7.68 -3.06
HE2A NRQ B 74 2.93 6.65 -2.95
HE3 NRQ B 74 3.36 7.69 -1.59
HG11 NRQ B 74 2.84 11.30 -3.42
HG12 NRQ B 74 3.97 10.41 -2.38
HB11 NRQ B 74 1.14 11.28 -1.78
HB12 NRQ B 74 1.93 10.01 -0.84
HOH NRQ B 74 -3.61 16.43 -6.10
HD2 NRQ B 74 -0.50 18.54 -3.01
HE2 NRQ B 74 -2.62 18.49 -4.26
HE1 NRQ B 74 -2.34 14.22 -4.50
HD1 NRQ B 74 -0.18 14.28 -3.27
HB2 NRQ B 74 1.64 17.35 -2.30
HA31 NRQ B 74 4.06 15.30 1.61
HA32 NRQ B 74 3.66 13.57 1.75
N SER B 75 5.81 13.66 -0.48
CA SER B 75 7.12 13.10 -0.79
C SER B 75 7.75 14.03 -1.82
N LYS B 76 8.07 15.26 -1.40
CA LYS B 76 8.38 16.36 -2.30
C LYS B 76 9.80 16.34 -2.83
N ALA B 77 10.63 15.36 -2.44
CA ALA B 77 11.89 15.16 -3.14
C ALA B 77 11.66 14.61 -4.55
N TYR B 78 10.47 14.09 -4.84
CA TYR B 78 10.19 13.48 -6.14
C TYR B 78 9.33 14.42 -6.98
N VAL B 79 9.85 15.63 -7.23
CA VAL B 79 9.22 16.62 -8.07
C VAL B 79 10.21 17.00 -9.17
N LYS B 80 9.80 16.86 -10.42
CA LYS B 80 10.66 17.23 -11.54
C LYS B 80 10.75 18.75 -11.62
N HIS B 81 11.99 19.27 -11.60
CA HIS B 81 12.18 20.72 -11.65
C HIS B 81 12.97 21.13 -12.89
N PRO B 82 12.58 22.21 -13.56
CA PRO B 82 13.45 22.78 -14.59
C PRO B 82 14.77 23.21 -13.97
N ALA B 83 15.82 23.24 -14.81
CA ALA B 83 17.15 23.54 -14.30
C ALA B 83 17.24 24.94 -13.72
N ASP B 84 16.39 25.87 -14.17
CA ASP B 84 16.47 27.25 -13.74
C ASP B 84 15.55 27.57 -12.57
N ILE B 85 14.95 26.55 -11.96
CA ILE B 85 14.16 26.70 -10.75
C ILE B 85 14.88 25.93 -9.64
N PRO B 86 15.46 26.61 -8.64
CA PRO B 86 16.11 25.88 -7.54
C PRO B 86 15.24 24.80 -6.92
N ASP B 87 15.70 23.55 -6.99
CA ASP B 87 15.01 22.42 -6.35
C ASP B 87 15.38 22.43 -4.87
N TYR B 88 14.82 23.42 -4.16
CA TYR B 88 15.16 23.71 -2.77
C TYR B 88 15.05 22.47 -1.89
N LEU B 89 14.03 21.64 -2.09
CA LEU B 89 13.85 20.50 -1.20
C LEU B 89 14.82 19.37 -1.51
N LYS B 90 15.24 19.20 -2.77
CA LYS B 90 16.33 18.28 -3.06
C LYS B 90 17.65 18.76 -2.45
N LEU B 91 17.93 20.07 -2.58
CA LEU B 91 19.17 20.62 -2.04
C LEU B 91 19.23 20.52 -0.52
N SER B 92 18.09 20.42 0.16
CA SER B 92 18.10 20.34 1.63
C SER B 92 18.77 19.06 2.13
N PHE B 93 18.92 18.05 1.28
CA PHE B 93 19.48 16.80 1.74
C PHE B 93 20.99 16.89 1.76
N PRO B 94 21.65 16.06 2.58
CA PRO B 94 21.13 14.92 3.36
C PRO B 94 20.43 15.22 4.69
N GLU B 95 20.63 16.41 5.27
CA GLU B 95 19.89 16.75 6.48
C GLU B 95 18.39 16.62 6.25
N GLY B 96 17.91 17.17 5.14
CA GLY B 96 16.51 17.07 4.82
C GLY B 96 15.72 18.31 5.15
N PHE B 97 14.42 18.14 5.39
CA PHE B 97 13.51 19.27 5.60
C PHE B 97 12.31 18.77 6.39
N LYS B 98 11.45 19.73 6.75
CA LYS B 98 10.24 19.49 7.52
C LYS B 98 9.10 20.25 6.88
N TRP B 99 7.86 19.81 7.11
CA TRP B 99 6.73 20.61 6.65
C TRP B 99 5.55 20.54 7.60
N GLU B 100 4.77 21.64 7.60
CA GLU B 100 3.55 21.82 8.37
C GLU B 100 2.42 22.12 7.40
N ARG B 101 1.30 21.41 7.53
CA ARG B 101 0.18 21.52 6.60
C ARG B 101 -1.16 21.65 7.32
N VAL B 102 -2.02 22.53 6.80
CA VAL B 102 -3.41 22.63 7.25
C VAL B 102 -4.33 22.48 6.04
N MET B 103 -5.29 21.55 6.13
CA MET B 103 -6.34 21.38 5.12
C MET B 103 -7.68 21.76 5.73
N ASN B 104 -8.32 22.80 5.17
CA ASN B 104 -9.65 23.23 5.60
C ASN B 104 -10.69 22.78 4.58
N PHE B 105 -11.48 21.76 4.94
CA PHE B 105 -12.49 21.20 4.05
C PHE B 105 -13.76 22.06 4.09
N GLU B 106 -14.55 21.95 3.01
CA GLU B 106 -15.64 22.90 2.81
C GLU B 106 -16.82 22.68 3.76
N ASP B 107 -16.90 21.54 4.44
CA ASP B 107 -17.94 21.32 5.44
C ASP B 107 -17.42 21.45 6.87
N GLY B 108 -16.26 22.06 7.06
CA GLY B 108 -15.75 22.36 8.38
C GLY B 108 -14.69 21.41 8.90
N GLY B 109 -14.48 20.28 8.24
CA GLY B 109 -13.42 19.39 8.67
C GLY B 109 -12.06 20.05 8.56
N VAL B 110 -11.16 19.68 9.47
CA VAL B 110 -9.82 20.25 9.53
C VAL B 110 -8.82 19.10 9.68
N VAL B 111 -7.84 19.02 8.78
CA VAL B 111 -6.72 18.10 8.91
C VAL B 111 -5.44 18.92 9.09
N THR B 112 -4.69 18.62 10.15
CA THR B 112 -3.36 19.18 10.37
C THR B 112 -2.31 18.08 10.28
N VAL B 113 -1.13 18.43 9.73
CA VAL B 113 -0.07 17.46 9.48
C VAL B 113 1.29 18.07 9.79
N THR B 114 2.15 17.31 10.48
CA THR B 114 3.58 17.62 10.59
C THR B 114 4.40 16.46 10.03
N GLN B 115 5.51 16.79 9.37
CA GLN B 115 6.30 15.75 8.73
C GLN B 115 7.78 16.10 8.77
N ASP B 116 8.59 15.09 9.06
CA ASP B 116 10.05 15.21 9.00
C ASP B 116 10.59 14.30 7.91
N SER B 117 11.45 14.85 7.05
CA SER B 117 12.11 14.10 6.00
C SER B 117 13.62 14.15 6.21
N SER B 118 14.25 12.97 6.14
CA SER B 118 15.69 12.87 6.26
C SER B 118 16.17 11.77 5.32
N LEU B 119 17.49 11.64 5.21
CA LEU B 119 18.11 10.64 4.34
C LEU B 119 19.08 9.83 5.18
N GLN B 120 18.83 8.53 5.31
CA GLN B 120 19.67 7.66 6.12
C GLN B 120 19.93 6.35 5.39
N ASP B 121 21.20 5.99 5.26
CA ASP B 121 21.62 4.73 4.64
C ASP B 121 21.11 4.63 3.20
N GLY B 122 21.09 5.75 2.49
CA GLY B 122 20.69 5.76 1.10
C GLY B 122 19.20 5.79 0.83
N GLU B 123 18.36 5.86 1.87
CA GLU B 123 16.92 5.88 1.72
C GLU B 123 16.32 7.06 2.46
N PHE B 124 15.26 7.65 1.89
CA PHE B 124 14.52 8.68 2.60
C PHE B 124 13.74 8.06 3.76
N ILE B 125 13.70 8.78 4.87
CA ILE B 125 12.93 8.40 6.05
C ILE B 125 11.89 9.49 6.30
N TYR B 126 10.62 9.10 6.39
CA TYR B 126 9.51 10.03 6.59
C TYR B 126 8.80 9.69 7.90
N LYS B 127 8.56 10.71 8.74
CA LYS B 127 7.79 10.57 9.97
C LYS B 127 6.65 11.58 9.95
N VAL B 128 5.42 11.09 10.11
CA VAL B 128 4.23 11.92 9.94
C VAL B 128 3.34 11.82 11.18
N LYS B 129 2.81 12.95 11.63
CA LYS B 129 1.77 13.01 12.62
C LYS B 129 0.58 13.77 12.04
N LEU B 130 -0.63 13.24 12.23
CA LEU B 130 -1.81 13.84 11.62
C LEU B 130 -2.95 13.91 12.63
N ARG B 131 -3.68 15.03 12.62
CA ARG B 131 -4.88 15.18 13.43
C ARG B 131 -6.02 15.74 12.59
N GLY B 132 -7.08 14.95 12.46
CA GLY B 132 -8.30 15.36 11.79
C GLY B 132 -9.42 15.52 12.81
N THR B 133 -10.13 16.64 12.69
CA THR B 133 -11.17 17.03 13.63
C THR B 133 -12.34 17.65 12.88
N ASN B 134 -13.48 17.69 13.55
CA ASN B 134 -14.65 18.46 13.12
C ASN B 134 -15.28 17.95 11.83
N PHE B 135 -15.08 16.68 11.47
CA PHE B 135 -15.78 16.16 10.29
C PHE B 135 -17.22 15.81 10.68
N PRO B 136 -18.23 16.30 9.96
CA PRO B 136 -19.61 15.91 10.27
C PRO B 136 -19.77 14.38 10.21
N SER B 137 -20.55 13.83 11.14
CA SER B 137 -20.67 12.39 11.19
C SER B 137 -21.34 11.81 9.94
N ASP B 138 -22.22 12.58 9.28
CA ASP B 138 -22.88 12.13 8.07
C ASP B 138 -22.24 12.69 6.80
N GLY B 139 -21.05 13.31 6.91
CA GLY B 139 -20.37 13.85 5.75
C GLY B 139 -19.58 12.79 5.01
N PRO B 140 -19.05 13.17 3.84
CA PRO B 140 -18.44 12.15 2.96
C PRO B 140 -17.16 11.54 3.50
N VAL B 141 -16.45 12.22 4.38
CA VAL B 141 -15.21 11.65 4.93
C VAL B 141 -15.55 10.53 5.92
N MET B 142 -16.37 10.82 6.93
CA MET B 142 -16.72 9.77 7.89
C MET B 142 -17.62 8.69 7.30
N GLN B 143 -18.35 8.97 6.21
CA GLN B 143 -19.19 7.96 5.56
C GLN B 143 -18.47 7.24 4.42
N LYS B 144 -17.20 7.56 4.16
CA LYS B 144 -16.41 6.89 3.12
C LYS B 144 -17.11 6.98 1.76
N LYS B 145 -17.43 8.21 1.37
CA LYS B 145 -18.11 8.47 0.10
CA LYS B 145 -18.10 8.47 0.10
C LYS B 145 -17.24 9.30 -0.85
N THR B 146 -15.92 9.31 -0.63
CA THR B 146 -15.01 10.01 -1.52
C THR B 146 -14.43 9.04 -2.54
N MET B 147 -13.91 9.58 -3.63
CA MET B 147 -13.52 8.76 -4.78
C MET B 147 -12.30 9.36 -5.47
N GLY B 148 -11.30 9.76 -4.69
CA GLY B 148 -10.01 10.16 -5.22
C GLY B 148 -9.92 11.65 -5.53
N TRP B 149 -8.66 12.13 -5.61
CA TRP B 149 -8.38 13.54 -5.85
C TRP B 149 -8.33 13.83 -7.36
N GLU B 150 -8.93 14.95 -7.76
CA GLU B 150 -8.64 15.48 -9.08
C GLU B 150 -7.20 16.01 -9.12
N ALA B 151 -6.65 16.13 -10.33
CA ALA B 151 -5.34 16.74 -10.50
C ALA B 151 -5.30 18.12 -9.84
N SER B 152 -4.14 18.47 -9.27
CA SER B 152 -3.99 19.68 -8.48
C SER B 152 -2.90 20.58 -9.06
N SER B 153 -3.02 21.89 -8.77
CA SER B 153 -1.95 22.87 -9.02
C SER B 153 -1.60 23.55 -7.70
N GLU B 154 -0.40 23.27 -7.18
CA GLU B 154 0.07 23.88 -5.94
C GLU B 154 0.90 25.12 -6.29
N ARG B 155 0.43 26.29 -5.84
CA ARG B 155 1.13 27.54 -6.05
C ARG B 155 2.24 27.69 -5.00
N MET B 156 3.47 27.87 -5.47
CA MET B 156 4.66 27.86 -4.63
C MET B 156 5.28 29.25 -4.61
N TYR B 157 5.77 29.67 -3.44
CA TYR B 157 6.43 30.98 -3.35
C TYR B 157 7.24 31.04 -2.06
N PRO B 158 8.36 31.78 -2.06
CA PRO B 158 9.16 31.90 -0.84
C PRO B 158 8.60 32.96 0.10
N GLU B 159 8.70 32.70 1.40
CA GLU B 159 8.19 33.64 2.40
C GLU B 159 8.71 33.32 3.79
N ASP B 160 9.15 34.34 4.51
CA ASP B 160 9.62 34.19 5.89
C ASP B 160 10.60 33.02 6.00
N GLY B 161 11.61 33.05 5.14
CA GLY B 161 12.70 32.09 5.23
C GLY B 161 12.34 30.66 4.93
N ALA B 162 11.20 30.42 4.27
CA ALA B 162 10.75 29.07 3.96
C ALA B 162 9.98 29.09 2.65
N LEU B 163 9.59 27.90 2.18
CA LEU B 163 8.88 27.73 0.93
C LEU B 163 7.42 27.40 1.22
N LYS B 164 6.51 28.18 0.63
CA LYS B 164 5.08 28.05 0.87
C LYS B 164 4.38 27.43 -0.33
N GLY B 165 3.33 26.66 -0.04
CA GLY B 165 2.47 26.14 -1.11
C GLY B 165 1.01 26.27 -0.71
N GLU B 166 0.19 26.60 -1.72
CA GLU B 166 -1.25 26.73 -1.55
C GLU B 166 -1.99 25.95 -2.63
N ILE B 167 -3.03 25.20 -2.24
CA ILE B 167 -3.81 24.39 -3.18
C ILE B 167 -5.29 24.58 -2.89
N LYS B 168 -6.08 24.71 -3.95
CA LYS B 168 -7.52 24.45 -3.91
C LYS B 168 -7.68 23.01 -4.40
N GLN B 169 -7.72 22.07 -3.44
CA GLN B 169 -7.73 20.64 -3.74
C GLN B 169 -9.16 20.12 -3.76
N ARG B 170 -9.43 19.16 -4.65
N ARG B 170 -9.44 19.20 -4.69
CA ARG B 170 -10.80 18.76 -4.94
CA ARG B 170 -10.81 18.77 -4.96
C ARG B 170 -10.91 17.25 -4.96
C ARG B 170 -10.90 17.25 -4.94
N LEU B 171 -11.77 16.72 -4.09
CA LEU B 171 -12.08 15.30 -4.07
C LEU B 171 -13.36 15.05 -4.87
N LYS B 172 -13.37 13.93 -5.60
CA LYS B 172 -14.58 13.42 -6.20
C LYS B 172 -15.43 12.70 -5.15
N LEU B 173 -16.75 12.73 -5.36
CA LEU B 173 -17.71 12.03 -4.52
C LEU B 173 -18.28 10.80 -5.22
N LYS B 174 -18.46 9.73 -4.46
CA LYS B 174 -18.88 8.45 -5.02
C LYS B 174 -20.17 8.55 -5.85
N ASP B 175 -21.17 9.30 -5.39
CA ASP B 175 -22.45 9.30 -6.09
C ASP B 175 -22.63 10.54 -6.98
N GLY B 176 -21.56 11.27 -7.25
CA GLY B 176 -21.59 12.47 -8.07
C GLY B 176 -21.31 13.71 -7.24
N GLY B 177 -20.68 14.70 -7.87
CA GLY B 177 -20.28 15.91 -7.20
C GLY B 177 -18.84 15.87 -6.76
N HIS B 178 -18.43 16.95 -6.09
N HIS B 178 -18.44 16.94 -6.08
CA HIS B 178 -17.07 17.13 -5.63
CA HIS B 178 -17.07 17.11 -5.61
C HIS B 178 -17.09 17.74 -4.23
C HIS B 178 -17.08 17.75 -4.23
N TYR B 179 -15.92 17.73 -3.58
CA TYR B 179 -15.78 18.15 -2.18
C TYR B 179 -14.37 18.73 -2.02
N ASP B 180 -14.29 20.00 -1.62
CA ASP B 180 -13.07 20.78 -1.73
C ASP B 180 -12.38 21.00 -0.38
N ALA B 181 -11.05 21.21 -0.44
CA ALA B 181 -10.26 21.68 0.70
C ALA B 181 -9.32 22.80 0.27
N GLU B 182 -9.20 23.82 1.12
CA GLU B 182 -8.15 24.82 0.99
C GLU B 182 -6.93 24.34 1.77
N VAL B 183 -5.81 24.14 1.07
CA VAL B 183 -4.62 23.56 1.67
C VAL B 183 -3.49 24.58 1.65
N LYS B 184 -2.82 24.74 2.80
CA LYS B 184 -1.65 25.60 2.92
C LYS B 184 -0.55 24.84 3.63
N THR B 185 0.64 24.85 3.05
CA THR B 185 1.77 24.11 3.59
C THR B 185 3.02 24.99 3.63
N THR B 186 3.82 24.80 4.68
CA THR B 186 5.13 25.41 4.80
C THR B 186 6.17 24.30 4.77
N TYR B 187 7.15 24.43 3.87
CA TYR B 187 8.24 23.48 3.73
C TYR B 187 9.56 24.20 4.03
N LYS B 188 10.35 23.67 4.96
CA LYS B 188 11.58 24.36 5.34
C LYS B 188 12.75 23.40 5.50
N ALA B 189 13.84 23.68 4.79
CA ALA B 189 15.06 22.89 4.90
C ALA B 189 15.70 23.05 6.28
N LYS B 190 16.35 21.98 6.74
CA LYS B 190 16.98 22.00 8.06
C LYS B 190 18.24 22.85 8.07
N LYS B 191 18.81 23.13 6.92
CA LYS B 191 19.90 24.07 6.74
C LYS B 191 19.51 25.08 5.68
N PRO B 192 20.09 26.27 5.70
CA PRO B 192 19.74 27.29 4.69
C PRO B 192 20.29 26.88 3.32
N VAL B 193 19.37 26.63 2.38
CA VAL B 193 19.73 26.44 0.98
C VAL B 193 18.92 27.46 0.17
N GLN B 194 19.22 27.53 -1.12
CA GLN B 194 18.65 28.56 -1.97
C GLN B 194 17.17 28.30 -2.21
N LEU B 195 16.33 29.24 -1.76
CA LEU B 195 14.91 29.20 -2.08
C LEU B 195 14.68 29.57 -3.54
N PRO B 196 13.59 29.12 -4.14
CA PRO B 196 13.29 29.51 -5.52
C PRO B 196 12.43 30.77 -5.56
N GLY B 197 12.25 31.29 -6.77
CA GLY B 197 11.19 32.23 -7.01
C GLY B 197 9.83 31.52 -6.96
N ALA B 198 8.80 32.25 -7.37
CA ALA B 198 7.45 31.69 -7.38
C ALA B 198 7.23 30.84 -8.63
N TYR B 199 6.53 29.72 -8.46
CA TYR B 199 6.19 28.85 -9.57
C TYR B 199 5.06 27.92 -9.14
N ASN B 200 4.62 27.05 -10.05
CA ASN B 200 3.55 26.11 -9.79
C ASN B 200 4.03 24.67 -10.00
N VAL B 201 3.38 23.75 -9.29
CA VAL B 201 3.67 22.32 -9.36
C VAL B 201 2.37 21.59 -9.68
N ASN B 202 2.34 20.88 -10.80
CA ASN B 202 1.18 20.09 -11.19
C ASN B 202 1.34 18.66 -10.66
N ILE B 203 0.32 18.20 -9.95
CA ILE B 203 0.34 16.97 -9.17
C ILE B 203 -0.89 16.15 -9.52
N LYS B 204 -0.71 14.83 -9.65
N LYS B 204 -0.71 14.84 -9.67
CA LYS B 204 -1.85 13.92 -9.74
CA LYS B 204 -1.83 13.90 -9.80
C LYS B 204 -1.53 12.68 -8.91
C LYS B 204 -1.53 12.68 -8.96
N LEU B 205 -2.37 12.41 -7.91
N LEU B 205 -2.44 12.38 -8.02
CA LEU B 205 -2.23 11.23 -7.05
CA LEU B 205 -2.30 11.27 -7.07
C LEU B 205 -3.38 10.28 -7.32
C LEU B 205 -3.42 10.27 -7.32
N ASP B 206 -3.05 9.02 -7.56
CA ASP B 206 -4.02 7.95 -7.80
C ASP B 206 -3.91 6.87 -6.74
N ILE B 207 -5.05 6.29 -6.34
CA ILE B 207 -5.06 5.05 -5.58
C ILE B 207 -5.10 3.91 -6.59
N THR B 208 -3.99 3.18 -6.72
CA THR B 208 -3.89 2.20 -7.80
C THR B 208 -4.47 0.85 -7.40
N SER B 209 -4.46 0.51 -6.12
CA SER B 209 -5.09 -0.73 -5.66
C SER B 209 -5.26 -0.66 -4.15
N HIS B 210 -6.14 -1.51 -3.63
CA HIS B 210 -6.43 -1.56 -2.21
C HIS B 210 -7.23 -2.82 -1.90
N ASN B 211 -6.98 -3.42 -0.74
CA ASN B 211 -7.85 -4.51 -0.31
C ASN B 211 -9.20 -3.94 0.13
N GLU B 212 -10.14 -4.83 0.40
CA GLU B 212 -11.52 -4.41 0.56
C GLU B 212 -11.67 -3.37 1.66
N ASP B 213 -10.91 -3.48 2.75
CA ASP B 213 -11.12 -2.61 3.90
C ASP B 213 -10.07 -1.52 4.03
N TYR B 214 -9.25 -1.30 3.00
CA TYR B 214 -8.24 -0.24 2.95
C TYR B 214 -7.22 -0.34 4.09
N THR B 215 -6.92 -1.56 4.54
CA THR B 215 -5.79 -1.75 5.44
C THR B 215 -4.48 -2.01 4.69
N ILE B 216 -4.53 -2.22 3.38
CA ILE B 216 -3.36 -2.26 2.51
C ILE B 216 -3.70 -1.47 1.25
N VAL B 217 -2.91 -0.44 0.96
CA VAL B 217 -3.23 0.53 -0.08
C VAL B 217 -1.96 0.85 -0.87
N GLU B 218 -2.09 0.94 -2.20
CA GLU B 218 -0.98 1.35 -3.06
C GLU B 218 -1.35 2.64 -3.77
N GLN B 219 -0.39 3.56 -3.85
CA GLN B 219 -0.59 4.88 -4.45
C GLN B 219 0.48 5.13 -5.51
N TYR B 220 0.16 6.01 -6.45
CA TYR B 220 1.10 6.55 -7.44
C TYR B 220 0.91 8.05 -7.53
N GLU B 221 2.01 8.79 -7.63
CA GLU B 221 1.91 10.24 -7.79
C GLU B 221 2.93 10.75 -8.80
N ARG B 222 2.48 11.68 -9.67
CA ARG B 222 3.36 12.36 -10.61
C ARG B 222 3.32 13.85 -10.32
N ALA B 223 4.48 14.50 -10.28
CA ALA B 223 4.56 15.91 -9.96
C ALA B 223 5.68 16.59 -10.73
N GLU B 224 5.37 17.74 -11.32
CA GLU B 224 6.33 18.48 -12.14
C GLU B 224 6.15 19.97 -11.94
N GLY B 225 7.26 20.67 -11.73
CA GLY B 225 7.22 22.11 -11.58
C GLY B 225 7.37 22.83 -12.91
N ARG B 226 6.69 23.98 -13.02
CA ARG B 226 6.72 24.82 -14.21
C ARG B 226 6.63 26.28 -13.79
N HIS B 227 7.00 27.17 -14.71
CA HIS B 227 6.88 28.59 -14.43
C HIS B 227 5.43 29.02 -14.45
N SER B 228 5.12 30.03 -13.62
CA SER B 228 3.76 30.54 -13.53
C SER B 228 3.49 31.53 -14.65
N THR B 229 2.23 31.56 -15.09
CA THR B 229 1.82 32.45 -16.17
C THR B 229 1.32 33.78 -15.63
N GLN C 22 -32.39 -14.53 26.49
CA GLN C 22 -33.16 -13.38 25.94
C GLN C 22 -32.25 -12.37 25.23
N VAL C 23 -30.98 -12.74 25.06
CA VAL C 23 -30.01 -11.93 24.33
C VAL C 23 -29.42 -12.77 23.20
N GLN C 24 -29.34 -12.19 22.02
CA GLN C 24 -28.69 -12.81 20.88
C GLN C 24 -27.48 -11.98 20.49
N LEU C 25 -26.40 -12.66 20.10
CA LEU C 25 -25.14 -12.02 19.75
C LEU C 25 -24.72 -12.43 18.35
N VAL C 26 -24.42 -11.45 17.49
CA VAL C 26 -24.06 -11.70 16.09
C VAL C 26 -22.74 -10.99 15.80
N GLU C 27 -21.69 -11.76 15.53
CA GLU C 27 -20.34 -11.26 15.31
C GLU C 27 -20.08 -11.00 13.83
N SER C 28 -19.12 -10.14 13.56
CA SER C 28 -18.63 -9.93 12.20
C SER C 28 -17.27 -9.26 12.25
N GLY C 29 -16.67 -9.03 11.08
CA GLY C 29 -15.41 -8.34 10.97
C GLY C 29 -14.17 -9.20 10.95
N GLY C 30 -14.31 -10.52 10.92
CA GLY C 30 -13.17 -11.42 10.93
C GLY C 30 -12.61 -11.66 9.55
N GLY C 31 -11.77 -12.68 9.45
CA GLY C 31 -11.23 -13.08 8.17
C GLY C 31 -9.73 -13.22 8.12
N LEU C 32 -9.16 -12.99 6.95
CA LEU C 32 -7.73 -13.15 6.74
C LEU C 32 -7.02 -11.81 6.91
N VAL C 33 -5.88 -11.82 7.58
CA VAL C 33 -5.09 -10.63 7.81
C VAL C 33 -3.63 -11.04 7.83
N GLN C 34 -2.77 -10.21 7.25
CA GLN C 34 -1.35 -10.49 7.27
CA GLN C 34 -1.35 -10.49 7.27
C GLN C 34 -0.77 -10.11 8.64
N ALA C 35 0.24 -10.87 9.06
CA ALA C 35 0.91 -10.58 10.32
C ALA C 35 1.41 -9.14 10.33
N GLY C 36 1.26 -8.46 11.47
CA GLY C 36 1.64 -7.09 11.61
C GLY C 36 0.55 -6.08 11.27
N GLY C 37 -0.53 -6.52 10.65
CA GLY C 37 -1.65 -5.66 10.33
C GLY C 37 -2.62 -5.53 11.48
N SER C 38 -3.83 -5.04 11.15
CA SER C 38 -4.87 -4.85 12.16
C SER C 38 -6.25 -5.08 11.54
N LEU C 39 -7.18 -5.46 12.41
CA LEU C 39 -8.59 -5.66 12.06
C LEU C 39 -9.41 -5.33 13.31
N ARG C 40 -10.73 -5.36 13.18
CA ARG C 40 -11.60 -5.03 14.31
C ARG C 40 -12.85 -5.88 14.24
N LEU C 41 -12.99 -6.79 15.20
CA LEU C 41 -14.21 -7.59 15.30
C LEU C 41 -15.30 -6.74 15.94
N SER C 42 -16.56 -7.07 15.60
CA SER C 42 -17.69 -6.37 16.20
C SER C 42 -18.80 -7.39 16.48
N CYS C 43 -19.66 -7.06 17.43
CA CYS C 43 -20.78 -7.91 17.77
C CYS C 43 -21.98 -7.07 18.18
N VAL C 44 -23.13 -7.34 17.58
CA VAL C 44 -24.38 -6.66 17.89
C VAL C 44 -25.18 -7.51 18.88
N ALA C 45 -25.60 -6.91 19.98
CA ALA C 45 -26.48 -7.57 20.94
C ALA C 45 -27.93 -7.13 20.69
N SER C 46 -28.84 -8.09 20.67
CA SER C 46 -30.26 -7.82 20.51
C SER C 46 -31.04 -8.60 21.56
N GLY C 47 -32.24 -8.13 21.84
CA GLY C 47 -33.07 -8.71 22.88
C GLY C 47 -33.21 -7.79 24.08
N SER C 48 -33.52 -8.41 25.21
CA SER C 48 -33.77 -7.71 26.47
C SER C 48 -32.57 -7.97 27.38
N ALA C 49 -31.67 -7.01 27.44
CA ALA C 49 -30.42 -7.23 28.18
C ALA C 49 -30.64 -7.01 29.67
N PRO C 50 -29.96 -7.76 30.52
CA PRO C 50 -30.01 -7.50 31.97
C PRO C 50 -29.39 -6.16 32.29
N SER C 51 -29.66 -5.69 33.50
CA SER C 51 -28.97 -4.50 34.00
C SER C 51 -27.49 -4.82 34.19
N PHE C 52 -26.65 -3.79 34.11
CA PHE C 52 -25.20 -3.96 34.28
C PHE C 52 -24.65 -5.00 33.29
N PHE C 53 -25.06 -4.84 32.03
CA PHE C 53 -24.66 -5.71 30.93
C PHE C 53 -23.16 -5.65 30.71
N ALA C 54 -22.52 -6.83 30.72
CA ALA C 54 -21.08 -6.97 30.48
C ALA C 54 -20.86 -7.81 29.24
N MET C 55 -19.80 -7.50 28.50
CA MET C 55 -19.49 -8.20 27.26
C MET C 55 -18.02 -8.59 27.26
N ALA C 56 -17.70 -9.62 26.49
CA ALA C 56 -16.33 -10.14 26.48
C ALA C 56 -16.05 -10.80 25.15
N TRP C 57 -14.76 -10.97 24.86
CA TRP C 57 -14.30 -11.74 23.72
C TRP C 57 -13.42 -12.87 24.21
N TYR C 58 -13.70 -14.09 23.72
CA TYR C 58 -12.95 -15.30 23.96
C TYR C 58 -12.40 -15.79 22.63
N ARG C 59 -11.43 -16.70 22.70
CA ARG C 59 -10.97 -17.33 21.48
C ARG C 59 -10.51 -18.74 21.79
N GLN C 60 -10.54 -19.59 20.76
CA GLN C 60 -10.10 -20.97 20.84
C GLN C 60 -9.48 -21.36 19.50
N SER C 61 -8.30 -21.95 19.55
CA SER C 61 -7.52 -22.37 18.39
C SER C 61 -7.47 -23.89 18.31
N PRO C 62 -6.94 -24.45 17.22
CA PRO C 62 -7.00 -25.90 17.02
C PRO C 62 -6.49 -26.70 18.22
N GLY C 63 -7.31 -27.63 18.67
CA GLY C 63 -6.89 -28.57 19.69
C GLY C 63 -6.57 -27.96 21.03
N ASN C 64 -7.03 -26.74 21.27
CA ASN C 64 -6.76 -26.04 22.51
C ASN C 64 -8.07 -25.63 23.16
N GLU C 65 -7.95 -25.08 24.36
CA GLU C 65 -9.11 -24.67 25.13
C GLU C 65 -9.41 -23.19 24.91
N ARG C 66 -10.69 -22.86 25.03
CA ARG C 66 -11.16 -21.49 24.98
C ARG C 66 -10.57 -20.66 26.11
N GLU C 67 -10.18 -19.42 25.79
CA GLU C 67 -9.57 -18.51 26.75
C GLU C 67 -10.15 -17.11 26.59
N LEU C 68 -10.25 -16.40 27.71
CA LEU C 68 -10.69 -15.02 27.70
C LEU C 68 -9.63 -14.12 27.09
N VAL C 69 -10.05 -13.28 26.14
CA VAL C 69 -9.18 -12.30 25.52
C VAL C 69 -9.32 -10.93 26.17
N ALA C 70 -10.56 -10.48 26.39
CA ALA C 70 -10.87 -9.16 26.91
C ALA C 70 -12.30 -9.13 27.43
N ALA C 71 -12.51 -8.39 28.52
CA ALA C 71 -13.83 -8.21 29.12
C ALA C 71 -14.07 -6.74 29.42
N LEU C 72 -15.33 -6.31 29.32
CA LEU C 72 -15.73 -4.91 29.47
C LEU C 72 -16.98 -4.83 30.34
N SER C 73 -16.88 -4.12 31.47
CA SER C 73 -18.03 -3.97 32.34
C SER C 73 -18.92 -2.83 31.86
N SER C 74 -20.16 -2.81 32.38
CA SER C 74 -21.10 -1.76 31.97
C SER C 74 -20.58 -0.37 32.31
N LEU C 75 -19.76 -0.24 33.35
CA LEU C 75 -19.26 1.06 33.79
C LEU C 75 -17.86 1.36 33.27
N GLY C 76 -17.34 0.53 32.37
CA GLY C 76 -16.15 0.88 31.61
C GLY C 76 -14.88 0.17 32.03
N SER C 77 -14.91 -0.67 33.07
CA SER C 77 -13.72 -1.42 33.48
C SER C 77 -13.35 -2.46 32.42
N THR C 78 -12.05 -2.68 32.25
CA THR C 78 -11.56 -3.63 31.27
C THR C 78 -10.52 -4.55 31.89
N ASN C 79 -10.47 -5.78 31.37
CA ASN C 79 -9.48 -6.78 31.76
C ASN C 79 -9.03 -7.51 30.50
N TYR C 80 -7.72 -7.71 30.37
CA TYR C 80 -7.15 -8.30 29.17
C TYR C 80 -6.26 -9.48 29.52
N ALA C 81 -6.21 -10.45 28.62
CA ALA C 81 -5.20 -11.50 28.70
C ALA C 81 -3.81 -10.92 28.50
N ASP C 82 -2.84 -11.47 29.22
CA ASP C 82 -1.46 -10.95 29.15
C ASP C 82 -0.94 -10.95 27.72
N SER C 83 -1.32 -11.92 26.91
CA SER C 83 -0.76 -12.04 25.57
C SER C 83 -1.27 -10.97 24.61
N VAL C 84 -2.35 -10.26 24.94
CA VAL C 84 -2.88 -9.22 24.06
C VAL C 84 -2.83 -7.83 24.68
N LYS C 85 -2.33 -7.69 25.91
CA LYS C 85 -2.24 -6.37 26.54
C LYS C 85 -1.41 -5.42 25.70
N GLY C 86 -1.92 -4.20 25.51
CA GLY C 86 -1.25 -3.22 24.70
C GLY C 86 -1.47 -3.34 23.20
N ARG C 87 -2.03 -4.46 22.72
CA ARG C 87 -2.33 -4.63 21.31
C ARG C 87 -3.82 -4.64 21.00
N PHE C 88 -4.64 -5.24 21.87
CA PHE C 88 -6.08 -5.33 21.66
C PHE C 88 -6.80 -4.35 22.58
N THR C 89 -7.93 -3.82 22.10
CA THR C 89 -8.77 -2.93 22.90
C THR C 89 -10.23 -3.32 22.74
N ILE C 90 -10.93 -3.50 23.87
CA ILE C 90 -12.36 -3.80 23.87
C ILE C 90 -13.10 -2.52 24.22
N SER C 91 -14.17 -2.22 23.48
CA SER C 91 -14.92 -0.99 23.68
C SER C 91 -16.36 -1.21 23.23
N MET C 92 -17.24 -0.27 23.59
CA MET C 92 -18.65 -0.39 23.26
C MET C 92 -19.22 0.92 22.74
N ASP C 93 -20.10 0.81 21.75
CA ASP C 93 -20.98 1.90 21.31
C ASP C 93 -22.41 1.51 21.71
N ASN C 94 -22.89 2.05 22.83
CA ASN C 94 -24.20 1.66 23.33
C ASN C 94 -25.30 2.06 22.37
N ALA C 95 -25.16 3.23 21.74
CA ALA C 95 -26.18 3.69 20.81
C ALA C 95 -26.41 2.68 19.69
N LYS C 96 -25.40 1.86 19.38
CA LYS C 96 -25.51 0.86 18.33
C LYS C 96 -25.57 -0.56 18.87
N ASN C 97 -25.65 -0.72 20.20
CA ASN C 97 -25.67 -2.04 20.83
C ASN C 97 -24.56 -2.93 20.30
N THR C 98 -23.37 -2.36 20.14
CA THR C 98 -22.24 -3.04 19.50
C THR C 98 -21.00 -2.96 20.36
N VAL C 99 -20.34 -4.11 20.55
CA VAL C 99 -19.04 -4.19 21.20
C VAL C 99 -17.99 -4.47 20.13
N TYR C 100 -16.79 -3.93 20.33
CA TYR C 100 -15.71 -4.02 19.37
C TYR C 100 -14.50 -4.67 20.03
N LEU C 101 -13.72 -5.43 19.25
CA LEU C 101 -12.37 -5.85 19.63
C LEU C 101 -11.41 -5.31 18.57
N GLN C 102 -10.73 -4.21 18.88
CA GLN C 102 -9.67 -3.71 18.00
C GLN C 102 -8.43 -4.57 18.17
N MET C 103 -7.92 -5.12 17.07
CA MET C 103 -6.79 -6.04 17.08
C MET C 103 -5.65 -5.44 16.28
N ASN C 104 -4.58 -5.03 16.97
CA ASN C 104 -3.44 -4.36 16.37
C ASN C 104 -2.19 -5.22 16.43
N ASN C 105 -1.28 -4.99 15.46
N ASN C 105 -1.28 -4.97 15.48
CA ASN C 105 0.01 -5.68 15.41
CA ASN C 105 0.01 -5.69 15.38
C ASN C 105 -0.18 -7.18 15.62
C ASN C 105 -0.19 -7.18 15.62
N VAL C 106 -1.07 -7.77 14.81
CA VAL C 106 -1.45 -9.16 14.99
C VAL C 106 -0.27 -10.07 14.64
N ASN C 107 -0.24 -11.25 15.26
CA ASN C 107 0.78 -12.25 15.01
C ASN C 107 0.14 -13.62 14.85
N ALA C 108 0.95 -14.62 14.51
CA ALA C 108 0.41 -15.94 14.18
C ALA C 108 -0.27 -16.60 15.37
N GLU C 109 0.11 -16.23 16.60
CA GLU C 109 -0.54 -16.79 17.78
C GLU C 109 -1.96 -16.24 17.97
N ASP C 110 -2.37 -15.26 17.18
CA ASP C 110 -3.72 -14.72 17.26
C ASP C 110 -4.72 -15.51 16.42
N THR C 111 -4.25 -16.45 15.60
CA THR C 111 -5.16 -17.25 14.79
C THR C 111 -6.07 -18.06 15.69
N ALA C 112 -7.37 -17.90 15.51
CA ALA C 112 -8.33 -18.63 16.33
C ALA C 112 -9.74 -18.34 15.84
N VAL C 113 -10.69 -19.11 16.36
CA VAL C 113 -12.09 -18.75 16.30
C VAL C 113 -12.37 -17.84 17.50
N TYR C 114 -12.88 -16.64 17.23
CA TYR C 114 -13.19 -15.66 18.26
C TYR C 114 -14.68 -15.67 18.55
N TYR C 115 -15.02 -15.66 19.84
CA TYR C 115 -16.40 -15.67 20.31
C TYR C 115 -16.69 -14.43 21.14
N CYS C 116 -17.80 -13.76 20.87
CA CYS C 116 -18.32 -12.75 21.77
C CYS C 116 -19.23 -13.43 22.80
N ALA C 117 -19.10 -13.02 24.07
CA ALA C 117 -19.96 -13.52 25.13
C ALA C 117 -20.49 -12.33 25.93
N ALA C 118 -21.57 -12.56 26.65
CA ALA C 118 -22.17 -11.48 27.44
C ALA C 118 -22.94 -12.05 28.62
N GLY C 119 -23.27 -11.16 29.55
CA GLY C 119 -23.97 -11.50 30.77
C GLY C 119 -24.12 -10.24 31.61
N ASP C 120 -24.06 -10.34 32.93
CA ASP C 120 -24.01 -9.14 33.76
C ASP C 120 -22.70 -9.12 34.54
N PHE C 121 -22.55 -8.10 35.37
CA PHE C 121 -21.29 -7.90 36.09
C PHE C 121 -20.92 -9.14 36.89
N HIS C 122 -21.90 -9.75 37.57
CA HIS C 122 -21.63 -10.85 38.47
C HIS C 122 -21.23 -12.12 37.72
N SER C 123 -21.78 -12.34 36.53
CA SER C 123 -21.61 -13.59 35.80
C SER C 123 -20.56 -13.51 34.69
N CYS C 124 -20.38 -12.36 34.08
CA CYS C 124 -19.55 -12.30 32.88
C CYS C 124 -18.35 -11.36 32.99
N TYR C 125 -18.40 -10.34 33.85
CA TYR C 125 -17.19 -9.55 34.04
C TYR C 125 -16.32 -10.09 35.18
N ALA C 126 -16.86 -10.09 36.40
CA ALA C 126 -16.08 -10.47 37.58
C ALA C 126 -15.85 -11.97 37.68
N ARG C 127 -16.68 -12.76 37.01
CA ARG C 127 -16.56 -14.21 36.95
C ARG C 127 -16.63 -14.59 35.47
N LYS C 128 -16.03 -15.72 35.12
CA LYS C 128 -16.07 -16.20 33.75
C LYS C 128 -17.19 -17.24 33.60
N SER C 129 -18.42 -16.78 33.74
CA SER C 129 -19.57 -17.67 33.54
C SER C 129 -20.63 -16.90 32.75
N CYS C 130 -20.24 -16.50 31.53
CA CYS C 130 -21.12 -15.68 30.69
C CYS C 130 -22.34 -16.48 30.24
N ASP C 131 -23.49 -15.80 30.25
CA ASP C 131 -24.77 -16.45 29.93
C ASP C 131 -25.01 -16.59 28.42
N TYR C 132 -24.56 -15.62 27.62
CA TYR C 132 -24.88 -15.58 26.20
C TYR C 132 -23.63 -15.67 25.34
N TRP C 133 -23.76 -16.29 24.17
CA TRP C 133 -22.64 -16.57 23.28
C TRP C 133 -23.01 -16.32 21.83
N GLY C 134 -22.06 -15.75 21.07
CA GLY C 134 -22.22 -15.60 19.64
C GLY C 134 -21.84 -16.87 18.91
N GLN C 135 -21.92 -16.81 17.58
CA GLN C 135 -21.70 -17.99 16.75
C GLN C 135 -20.23 -18.30 16.52
N GLY C 136 -19.33 -17.35 16.78
CA GLY C 136 -17.93 -17.58 16.53
C GLY C 136 -17.53 -17.05 15.17
N THR C 137 -16.38 -16.37 15.09
CA THR C 137 -15.88 -15.86 13.82
C THR C 137 -14.39 -16.11 13.71
N GLN C 138 -13.98 -16.69 12.58
CA GLN C 138 -12.60 -17.09 12.37
C GLN C 138 -11.72 -15.89 12.03
N VAL C 139 -10.56 -15.82 12.68
CA VAL C 139 -9.48 -14.91 12.32
C VAL C 139 -8.26 -15.77 11.99
N THR C 140 -7.66 -15.54 10.82
CA THR C 140 -6.48 -16.31 10.42
C THR C 140 -5.35 -15.37 10.04
N VAL C 141 -4.29 -15.38 10.83
CA VAL C 141 -3.13 -14.52 10.61
C VAL C 141 -2.11 -15.29 9.78
N SER C 142 -1.66 -14.66 8.70
CA SER C 142 -0.59 -15.22 7.89
C SER C 142 0.39 -14.12 7.50
N GLN D 22 39.67 -7.23 12.66
CA GLN D 22 38.34 -6.61 12.90
C GLN D 22 37.32 -7.65 13.33
N VAL D 23 36.67 -7.36 14.45
CA VAL D 23 35.63 -8.21 15.02
C VAL D 23 34.37 -7.37 15.16
N GLN D 24 33.23 -7.99 14.87
CA GLN D 24 31.93 -7.38 15.03
C GLN D 24 31.15 -8.16 16.08
N LEU D 25 30.43 -7.44 16.93
CA LEU D 25 29.66 -8.03 18.03
C LEU D 25 28.20 -7.62 17.92
N VAL D 26 27.30 -8.61 17.93
CA VAL D 26 25.86 -8.36 17.81
C VAL D 26 25.15 -9.04 18.98
N GLU D 27 24.52 -8.23 19.83
CA GLU D 27 23.88 -8.72 21.04
C GLU D 27 22.40 -9.03 20.80
N SER D 28 21.89 -9.98 21.60
CA SER D 28 20.47 -10.30 21.62
C SER D 28 20.05 -10.73 23.03
N GLY D 29 18.72 -10.83 23.23
CA GLY D 29 18.18 -11.50 24.39
C GLY D 29 17.71 -10.61 25.52
N GLY D 30 17.74 -9.30 25.35
CA GLY D 30 17.32 -8.39 26.41
C GLY D 30 15.83 -8.19 26.44
N GLY D 31 15.42 -7.09 27.10
CA GLY D 31 14.03 -6.70 27.17
C GLY D 31 13.54 -6.62 28.60
N LEU D 32 12.25 -6.90 28.78
CA LEU D 32 11.56 -6.79 30.04
C LEU D 32 11.61 -8.10 30.82
N VAL D 33 11.62 -7.98 32.15
CA VAL D 33 11.65 -9.12 33.03
C VAL D 33 11.17 -8.67 34.40
N GLN D 34 10.46 -9.56 35.09
CA GLN D 34 9.98 -9.27 36.43
C GLN D 34 11.08 -9.57 37.46
N ALA D 35 11.14 -8.73 38.49
CA ALA D 35 12.08 -8.95 39.58
C ALA D 35 11.93 -10.36 40.13
N GLY D 36 13.07 -11.02 40.37
CA GLY D 36 13.08 -12.39 40.80
C GLY D 36 13.16 -13.41 39.69
N GLY D 37 12.97 -13.00 38.44
CA GLY D 37 13.00 -13.89 37.30
C GLY D 37 14.39 -14.00 36.71
N SER D 38 14.45 -14.52 35.49
CA SER D 38 15.75 -14.70 34.84
C SER D 38 15.64 -14.49 33.33
N LEU D 39 16.76 -14.11 32.74
CA LEU D 39 16.92 -13.98 31.30
C LEU D 39 18.37 -14.28 30.96
N ARG D 40 18.67 -14.35 29.67
CA ARG D 40 20.03 -14.66 29.23
C ARG D 40 20.38 -13.86 27.98
N LEU D 41 21.32 -12.93 28.12
CA LEU D 41 21.85 -12.20 27.00
C LEU D 41 22.82 -13.07 26.21
N SER D 42 22.90 -12.82 24.91
CA SER D 42 23.84 -13.52 24.04
C SER D 42 24.45 -12.53 23.06
N CYS D 43 25.64 -12.88 22.57
CA CYS D 43 26.33 -12.06 21.58
C CYS D 43 27.13 -12.92 20.62
N VAL D 44 26.99 -12.66 19.33
CA VAL D 44 27.70 -13.40 18.29
C VAL D 44 28.88 -12.57 17.81
N ALA D 45 30.06 -13.18 17.78
CA ALA D 45 31.27 -12.55 17.27
C ALA D 45 31.53 -13.03 15.86
N SER D 46 31.81 -12.09 14.96
CA SER D 46 32.22 -12.41 13.60
C SER D 46 33.46 -11.59 13.26
N GLY D 47 34.15 -12.02 12.21
CA GLY D 47 35.40 -11.42 11.81
C GLY D 47 36.59 -12.32 12.11
N SER D 48 37.76 -11.69 12.17
CA SER D 48 39.01 -12.42 12.47
C SER D 48 39.39 -12.12 13.93
N ALA D 49 39.13 -13.08 14.80
CA ALA D 49 39.43 -12.84 16.20
C ALA D 49 40.92 -13.00 16.47
N PRO D 50 41.49 -12.20 17.38
CA PRO D 50 42.89 -12.39 17.75
C PRO D 50 43.09 -13.68 18.54
N SER D 51 44.35 -14.05 18.70
CA SER D 51 44.70 -15.11 19.64
C SER D 51 44.32 -14.68 21.05
N PHE D 52 44.06 -15.68 21.91
CA PHE D 52 43.68 -15.48 23.32
C PHE D 52 42.51 -14.50 23.42
N PHE D 53 41.50 -14.77 22.59
CA PHE D 53 40.28 -13.96 22.51
C PHE D 53 39.55 -13.97 23.84
N ALA D 54 39.21 -12.77 24.33
CA ALA D 54 38.55 -12.57 25.61
C ALA D 54 37.28 -11.77 25.38
N MET D 55 36.22 -12.11 26.10
CA MET D 55 34.94 -11.41 25.96
C MET D 55 34.45 -11.01 27.33
N ALA D 56 33.55 -10.01 27.35
CA ALA D 56 33.06 -9.45 28.60
C ALA D 56 31.71 -8.80 28.37
N TRP D 57 31.01 -8.56 29.48
CA TRP D 57 29.77 -7.80 29.51
C TRP D 57 29.95 -6.60 30.44
N TYR D 58 29.52 -5.43 29.97
CA TYR D 58 29.51 -4.19 30.74
C TYR D 58 28.07 -3.68 30.82
N ARG D 59 27.82 -2.74 31.73
CA ARG D 59 26.49 -2.14 31.79
C ARG D 59 26.57 -0.70 32.27
N GLN D 60 25.54 0.06 31.94
CA GLN D 60 25.48 1.47 32.30
C GLN D 60 24.02 1.86 32.52
N SER D 61 23.73 2.35 33.71
CA SER D 61 22.40 2.83 34.07
C SER D 61 22.32 4.34 33.92
N PRO D 62 21.10 4.89 33.90
CA PRO D 62 20.96 6.34 33.68
C PRO D 62 21.79 7.15 34.67
N GLY D 63 22.51 8.13 34.14
CA GLY D 63 23.28 9.03 34.97
C GLY D 63 24.44 8.41 35.70
N ASN D 64 24.91 7.24 35.26
CA ASN D 64 26.01 6.55 35.90
C ASN D 64 27.05 6.17 34.86
N GLU D 65 28.23 5.80 35.34
CA GLU D 65 29.32 5.40 34.46
C GLU D 65 29.22 3.90 34.15
N ARG D 66 29.75 3.52 33.00
CA ARG D 66 29.77 2.13 32.59
C ARG D 66 30.66 1.31 33.53
N GLU D 67 30.20 0.10 33.86
CA GLU D 67 30.91 -0.77 34.80
C GLU D 67 31.01 -2.17 34.22
N LEU D 68 32.13 -2.84 34.54
CA LEU D 68 32.31 -4.23 34.17
C LEU D 68 31.35 -5.10 34.97
N VAL D 69 30.70 -6.05 34.29
CA VAL D 69 29.83 -7.02 34.93
C VAL D 69 30.50 -8.39 35.03
N ALA D 70 31.04 -8.88 33.91
CA ALA D 70 31.63 -10.22 33.86
C ALA D 70 32.65 -10.26 32.74
N ALA D 71 33.76 -10.97 32.97
CA ALA D 71 34.79 -11.17 31.97
C ALA D 71 35.13 -12.65 31.90
N LEU D 72 35.46 -13.11 30.68
CA LEU D 72 35.76 -14.51 30.39
C LEU D 72 37.01 -14.58 29.52
N SER D 73 38.03 -15.30 30.00
CA SER D 73 39.27 -15.42 29.24
C SER D 73 39.23 -16.64 28.32
N SER D 74 40.13 -16.67 27.34
CA SER D 74 40.12 -17.75 26.37
C SER D 74 40.33 -19.10 27.03
N LEU D 75 41.03 -19.14 28.16
CA LEU D 75 41.30 -20.39 28.85
C LEU D 75 40.31 -20.68 29.97
N GLY D 76 39.25 -19.87 30.09
CA GLY D 76 38.12 -20.19 30.93
C GLY D 76 38.06 -19.47 32.26
N SER D 77 39.02 -18.60 32.56
CA SER D 77 38.98 -17.83 33.78
C SER D 77 37.86 -16.80 33.73
N THR D 78 37.21 -16.56 34.87
CA THR D 78 36.15 -15.58 34.94
C THR D 78 36.35 -14.61 36.09
N ASN D 79 35.83 -13.40 35.92
CA ASN D 79 35.83 -12.40 36.96
C ASN D 79 34.50 -11.67 36.94
N TYR D 80 33.93 -11.43 38.12
CA TYR D 80 32.61 -10.85 38.24
C TYR D 80 32.63 -9.65 39.17
N ALA D 81 31.76 -8.67 38.86
CA ALA D 81 31.50 -7.58 39.78
C ALA D 81 30.86 -8.12 41.05
N ASP D 82 31.20 -7.49 42.17
CA ASP D 82 30.72 -7.98 43.45
C ASP D 82 29.20 -8.01 43.51
N SER D 83 28.53 -7.09 42.79
CA SER D 83 27.08 -6.96 42.88
C SER D 83 26.33 -8.07 42.16
N VAL D 84 26.99 -8.83 41.28
CA VAL D 84 26.34 -9.88 40.53
C VAL D 84 26.91 -11.27 40.84
N LYS D 85 27.89 -11.36 41.72
CA LYS D 85 28.47 -12.66 42.04
C LYS D 85 27.40 -13.59 42.60
N GLY D 86 27.40 -14.84 42.13
CA GLY D 86 26.43 -15.81 42.55
C GLY D 86 25.08 -15.73 41.86
N ARG D 87 24.87 -14.72 41.02
CA ARG D 87 23.62 -14.56 40.29
C ARG D 87 23.82 -14.60 38.78
N PHE D 88 24.90 -14.03 38.26
CA PHE D 88 25.18 -13.96 36.83
C PHE D 88 26.32 -14.92 36.49
N THR D 89 26.25 -15.48 35.28
CA THR D 89 27.30 -16.37 34.78
C THR D 89 27.64 -16.04 33.33
N ILE D 90 28.93 -15.86 33.03
CA ILE D 90 29.40 -15.62 31.66
C ILE D 90 29.99 -16.92 31.13
N SER D 91 29.61 -17.30 29.92
CA SER D 91 30.07 -18.54 29.32
C SER D 91 30.10 -18.40 27.81
N MET D 92 30.72 -19.38 27.15
CA MET D 92 30.94 -19.32 25.71
C MET D 92 30.57 -20.64 25.05
N ASP D 93 29.97 -20.57 23.86
CA ASP D 93 29.82 -21.71 22.97
C ASP D 93 30.70 -21.41 21.75
N ASN D 94 31.92 -21.94 21.74
CA ASN D 94 32.86 -21.61 20.69
C ASN D 94 32.37 -22.07 19.33
N ALA D 95 31.68 -23.20 19.27
CA ALA D 95 31.20 -23.71 17.99
C ALA D 95 30.23 -22.74 17.32
N LYS D 96 29.54 -21.92 18.11
CA LYS D 96 28.61 -20.94 17.60
C LYS D 96 29.15 -19.51 17.65
N ASN D 97 30.38 -19.32 18.11
CA ASN D 97 30.98 -17.99 18.25
C ASN D 97 30.12 -17.08 19.11
N THR D 98 29.50 -17.65 20.14
CA THR D 98 28.51 -16.95 20.95
C THR D 98 28.91 -16.95 22.42
N VAL D 99 28.88 -15.78 23.05
CA VAL D 99 29.07 -15.64 24.50
C VAL D 99 27.73 -15.31 25.13
N TYR D 100 27.55 -15.73 26.38
CA TYR D 100 26.28 -15.63 27.08
C TYR D 100 26.45 -14.93 28.42
N LEU D 101 25.40 -14.22 28.84
CA LEU D 101 25.31 -13.67 30.20
C LEU D 101 24.00 -14.19 30.78
N GLN D 102 24.07 -15.27 31.56
CA GLN D 102 22.91 -15.77 32.30
C GLN D 102 22.69 -14.86 33.50
N MET D 103 21.47 -14.33 33.63
CA MET D 103 21.10 -13.37 34.66
C MET D 103 19.97 -13.99 35.49
N ASN D 104 20.29 -14.41 36.72
CA ASN D 104 19.33 -15.07 37.60
C ASN D 104 18.94 -14.13 38.75
N ASN D 105 17.76 -14.38 39.30
N ASN D 105 17.75 -14.37 39.30
CA ASN D 105 17.24 -13.62 40.43
CA ASN D 105 17.25 -13.61 40.46
C ASN D 105 17.52 -12.12 40.27
C ASN D 105 17.51 -12.11 40.27
N VAL D 106 17.03 -11.58 39.14
CA VAL D 106 17.31 -10.19 38.81
C VAL D 106 16.58 -9.27 39.78
N ASN D 107 17.12 -8.07 39.98
CA ASN D 107 16.54 -7.08 40.88
C ASN D 107 16.56 -5.71 40.21
N ALA D 108 15.95 -4.72 40.89
CA ALA D 108 15.78 -3.41 40.27
C ALA D 108 17.12 -2.78 39.90
N GLU D 109 18.19 -3.10 40.62
CA GLU D 109 19.49 -2.50 40.35
C GLU D 109 20.15 -3.06 39.10
N ASP D 110 19.58 -4.09 38.49
CA ASP D 110 20.11 -4.68 37.27
C ASP D 110 19.61 -3.99 36.00
N THR D 111 18.70 -3.02 36.14
CA THR D 111 18.17 -2.28 34.99
C THR D 111 19.28 -1.40 34.41
N ALA D 112 19.58 -1.61 33.13
CA ALA D 112 20.67 -0.89 32.48
C ALA D 112 20.71 -1.25 31.00
N VAL D 113 21.55 -0.53 30.27
CA VAL D 113 21.94 -0.93 28.92
C VAL D 113 23.19 -1.79 29.05
N TYR D 114 23.09 -3.05 28.63
CA TYR D 114 24.21 -3.98 28.67
C TYR D 114 24.95 -3.94 27.35
N TYR D 115 26.29 -4.00 27.44
CA TYR D 115 27.13 -4.01 26.25
C TYR D 115 28.05 -5.23 26.31
N CYS D 116 28.16 -5.96 25.20
CA CYS D 116 29.19 -6.97 25.08
C CYS D 116 30.45 -6.32 24.51
N ALA D 117 31.61 -6.76 25.00
CA ALA D 117 32.89 -6.21 24.56
C ALA D 117 33.86 -7.37 24.39
N ALA D 118 34.93 -7.12 23.64
CA ALA D 118 35.90 -8.18 23.41
C ALA D 118 37.28 -7.62 23.11
N GLY D 119 38.26 -8.52 23.10
CA GLY D 119 39.63 -8.17 22.81
C GLY D 119 40.48 -9.42 22.98
N ASP D 120 41.70 -9.27 23.46
CA ASP D 120 42.48 -10.42 23.89
C ASP D 120 42.75 -10.32 25.39
N PHE D 121 43.50 -11.31 25.89
CA PHE D 121 43.75 -11.40 27.33
C PHE D 121 44.31 -10.11 27.89
N HIS D 122 45.21 -9.48 27.13
CA HIS D 122 45.95 -8.32 27.61
C HIS D 122 45.09 -7.06 27.66
N SER D 123 44.15 -6.92 26.74
CA SER D 123 43.38 -5.69 26.61
C SER D 123 42.00 -5.76 27.25
N CYS D 124 41.40 -6.95 27.35
CA CYS D 124 40.00 -7.07 27.71
C CYS D 124 39.70 -8.00 28.88
N TYR D 125 40.59 -8.92 29.23
CA TYR D 125 40.39 -9.70 30.44
C TYR D 125 41.14 -9.11 31.63
N ALA D 126 42.46 -8.97 31.51
CA ALA D 126 43.28 -8.49 32.63
C ALA D 126 43.25 -6.99 32.80
N ARG D 127 42.80 -6.26 31.77
CA ARG D 127 42.64 -4.81 31.81
C ARG D 127 41.26 -4.48 31.27
N LYS D 128 40.77 -3.29 31.59
CA LYS D 128 39.49 -2.83 31.04
C LYS D 128 39.77 -1.87 29.89
N SER D 129 40.27 -2.45 28.80
CA SER D 129 40.61 -1.69 27.60
C SER D 129 40.18 -2.45 26.35
N CYS D 130 38.97 -3.00 26.37
CA CYS D 130 38.52 -3.85 25.28
C CYS D 130 38.50 -3.09 23.97
N ASP D 131 38.83 -3.81 22.89
CA ASP D 131 38.96 -3.24 21.55
C ASP D 131 37.65 -3.15 20.79
N TYR D 132 36.71 -4.05 21.05
CA TYR D 132 35.51 -4.18 20.23
C TYR D 132 34.28 -4.13 21.13
N TRP D 133 33.19 -3.55 20.60
CA TRP D 133 32.00 -3.30 21.38
C TRP D 133 30.74 -3.59 20.58
N GLY D 134 29.77 -4.20 21.27
CA GLY D 134 28.44 -4.38 20.73
C GLY D 134 27.64 -3.10 20.76
N GLN D 135 26.38 -3.22 20.31
CA GLN D 135 25.52 -2.05 20.13
C GLN D 135 24.82 -1.61 21.42
N GLY D 136 24.74 -2.48 22.41
CA GLY D 136 24.03 -2.16 23.64
C GLY D 136 22.62 -2.71 23.63
N THR D 137 22.22 -3.38 24.73
CA THR D 137 20.91 -3.99 24.83
C THR D 137 20.22 -3.56 26.12
N GLN D 138 19.02 -3.03 26.00
CA GLN D 138 18.28 -2.59 27.19
C GLN D 138 17.72 -3.81 27.93
N VAL D 139 18.01 -3.88 29.22
CA VAL D 139 17.31 -4.76 30.15
C VAL D 139 16.61 -3.88 31.18
N THR D 140 15.32 -4.15 31.42
CA THR D 140 14.53 -3.36 32.34
C THR D 140 13.78 -4.31 33.27
N VAL D 141 14.06 -4.22 34.57
CA VAL D 141 13.47 -5.09 35.57
C VAL D 141 12.36 -4.31 36.27
N SER D 142 11.18 -4.92 36.38
CA SER D 142 10.06 -4.28 37.04
C SER D 142 9.31 -5.28 37.94
C1 GOL E . -14.38 1.78 16.79
O1 GOL E . -13.61 2.47 17.74
C2 GOL E . -15.20 2.84 16.05
O2 GOL E . -14.42 3.86 15.57
C3 GOL E . -15.88 2.05 14.93
O3 GOL E . -16.71 2.96 14.25
H11 GOL E . -13.84 1.29 16.16
H12 GOL E . -14.97 1.13 17.19
HO1 GOL E . -13.37 1.89 18.32
H2 GOL E . -15.85 3.26 16.64
HO2 GOL E . -14.07 3.60 14.84
H31 GOL E . -15.21 1.66 14.36
H32 GOL E . -16.37 1.30 15.31
HO3 GOL E . -17.48 2.90 14.58
C1 GOL F . 23.25 -21.54 27.92
O1 GOL F . 24.08 -22.17 28.84
C2 GOL F . 23.05 -22.53 26.76
O2 GOL F . 22.41 -23.68 27.17
C3 GOL F . 22.19 -21.73 25.75
O3 GOL F . 21.93 -22.60 24.69
H11 GOL F . 22.39 -21.29 28.29
H12 GOL F . 23.64 -20.72 27.58
HO1 GOL F . 24.52 -21.58 29.23
H2 GOL F . 23.88 -22.81 26.37
HO2 GOL F . 22.05 -23.53 27.93
H31 GOL F . 21.39 -21.41 26.20
H32 GOL F . 22.68 -20.94 25.49
HO3 GOL F . 21.14 -22.41 24.42
#